data_8J3Y
#
_entry.id   8J3Y
#
_cell.length_a   63.479
_cell.length_b   97.802
_cell.length_c   72.421
_cell.angle_alpha   90.00
_cell.angle_beta   108.40
_cell.angle_gamma   90.00
#
_symmetry.space_group_name_H-M   'P 1 21 1'
#
loop_
_entity.id
_entity.type
_entity.pdbx_description
1 polymer 'Putative polysaccharide-binding protein'
2 branched beta-D-glucopyranose-(1-3)-beta-D-glucopyranose-(1-3)-beta-D-glucopyranose-(1-3)-beta-D-glucopyranose-(1-3)-beta-D-glucopyranose
3 branched beta-D-glucopyranose-(1-3)-beta-D-glucopyranose-(1-3)-beta-D-glucopyranose-(1-3)-beta-D-glucopyranose
4 non-polymer GLYCEROL
5 non-polymer beta-D-glucopyranose
6 non-polymer 'MAGNESIUM ION'
7 water water
#
_entity_poly.entity_id   1
_entity_poly.type   'polypeptide(L)'
_entity_poly.pdbx_seq_one_letter_code
;HMAQDMRSEKRGLAYGYHSENDLKAMQGKVKWWYNWDTQADANVKENYASYGYDFVPMAWDENFNEEALRSFLDNHPDVK
YLLGWNQPNFMEQANLTPAEAAAHWPVLEAIAQDYNLKLVAPAVNYSPGNVDIPGTDDDYDPWLYLDAFFEACEGCQVDY
IAVHCYMKYESAFSWYVGEFERYNKPIWVTEWAGWDDGGPANMGEQMNFLSDTVRWMESNDNIYRYSWFLGRSSEGYDQF
PYLDVLLADGELTPLGSVYTSIPSNDFRYKIPARIEAEGAHSLTGFKHLATTDTTGLAKLIAASNEVAEYKLNVEEGGDY
TLALRLASSANSDIAIRVDGLLVYTFEDINTGGVEAWMTFSSTPISLTAGDHILRVESKSSRFGFNWLELTN
;
_entity_poly.pdbx_strand_id   A,B
#
loop_
_chem_comp.id
_chem_comp.type
_chem_comp.name
_chem_comp.formula
BGC D-saccharide, beta linking beta-D-glucopyranose 'C6 H12 O6'
GOL non-polymer GLYCEROL 'C3 H8 O3'
MG non-polymer 'MAGNESIUM ION' 'Mg 2'
#
# COMPACT_ATOMS: atom_id res chain seq x y z
N HIS A 1 -11.23 13.38 28.62
CA HIS A 1 -9.78 13.38 28.41
C HIS A 1 -9.28 11.97 28.07
N MET A 2 -9.70 11.45 26.92
CA MET A 2 -9.47 10.05 26.55
C MET A 2 -8.00 9.84 26.19
N ALA A 3 -7.36 8.89 26.87
CA ALA A 3 -5.97 8.53 26.58
C ALA A 3 -5.95 7.60 25.38
N GLN A 4 -5.41 8.08 24.26
CA GLN A 4 -5.38 7.29 23.03
C GLN A 4 -4.15 6.38 22.98
N ASP A 5 -4.25 5.33 22.19
CA ASP A 5 -3.13 4.43 21.94
C ASP A 5 -2.02 5.14 21.18
N MET A 6 -0.85 4.47 21.12
CA MET A 6 0.29 5.01 20.38
C MET A 6 -0.10 5.32 18.93
N ARG A 7 0.13 6.56 18.52
CA ARG A 7 -0.39 7.04 17.24
C ARG A 7 0.39 6.46 16.06
N SER A 8 1.71 6.28 16.23
CA SER A 8 2.58 5.77 15.19
C SER A 8 3.78 5.10 15.84
N GLU A 9 4.23 4.00 15.25
CA GLU A 9 5.49 3.39 15.64
C GLU A 9 6.67 3.85 14.80
N LYS A 10 6.41 4.38 13.60
CA LYS A 10 7.48 4.78 12.69
C LYS A 10 7.97 6.19 12.99
N ARG A 11 7.12 7.03 13.55
CA ARG A 11 7.36 8.47 13.57
C ARG A 11 8.38 8.86 14.63
N GLY A 12 9.37 9.65 14.22
CA GLY A 12 10.38 10.16 15.11
C GLY A 12 10.61 11.64 14.89
N LEU A 13 11.70 12.18 15.41
CA LEU A 13 12.01 13.59 15.19
C LEU A 13 13.52 13.75 15.19
N ALA A 14 14.00 14.69 14.37
CA ALA A 14 15.40 15.08 14.35
C ALA A 14 15.52 16.39 15.15
N TYR A 15 16.12 16.32 16.34
CA TYR A 15 16.20 17.50 17.20
C TYR A 15 17.07 17.17 18.39
N GLY A 16 17.83 18.17 18.85
CA GLY A 16 18.77 17.94 19.93
C GLY A 16 18.61 18.78 21.18
N TYR A 17 17.51 19.53 21.32
CA TYR A 17 17.34 20.43 22.46
C TYR A 17 15.98 20.22 23.14
N HIS A 18 15.54 18.96 23.24
CA HIS A 18 14.25 18.69 23.88
C HIS A 18 14.30 19.03 25.37
N SER A 19 13.17 19.51 25.87
CA SER A 19 12.89 19.49 27.29
C SER A 19 11.96 18.32 27.59
N GLU A 20 11.83 18.00 28.88
CA GLU A 20 10.85 16.99 29.27
C GLU A 20 9.44 17.40 28.86
N ASN A 21 9.14 18.69 28.95
CA ASN A 21 7.82 19.16 28.51
C ASN A 21 7.61 18.93 27.02
N ASP A 22 8.67 19.08 26.21
CA ASP A 22 8.55 18.78 24.79
C ASP A 22 8.22 17.31 24.57
N LEU A 23 8.92 16.41 25.26
CA LEU A 23 8.62 14.99 25.11
C LEU A 23 7.21 14.67 25.59
N LYS A 24 6.76 15.33 26.65
CA LYS A 24 5.40 15.10 27.12
C LYS A 24 4.37 15.58 26.12
N ALA A 25 4.64 16.70 25.45
CA ALA A 25 3.71 17.19 24.44
C ALA A 25 3.54 16.22 23.29
N MET A 26 4.59 15.50 22.92
CA MET A 26 4.53 14.56 21.80
C MET A 26 4.29 13.13 22.25
N GLN A 27 4.16 12.90 23.56
CA GLN A 27 4.11 11.53 24.09
C GLN A 27 2.94 10.77 23.49
N GLY A 28 3.21 9.54 23.08
CA GLY A 28 2.18 8.71 22.47
C GLY A 28 1.91 9.04 21.02
N LYS A 29 2.63 10.01 20.45
CA LYS A 29 2.48 10.40 19.05
C LYS A 29 3.79 10.41 18.30
N VAL A 30 4.91 10.26 19.00
CA VAL A 30 6.25 10.16 18.42
C VAL A 30 6.95 9.06 19.21
N LYS A 31 7.63 8.16 18.51
CA LYS A 31 8.20 6.96 19.11
C LYS A 31 9.68 7.08 19.43
N TRP A 32 10.43 7.84 18.64
CA TRP A 32 11.88 7.83 18.74
C TRP A 32 12.41 9.20 18.32
N TRP A 33 13.68 9.45 18.62
CA TRP A 33 14.32 10.64 18.07
C TRP A 33 15.83 10.42 17.98
N TYR A 34 16.48 11.28 17.21
CA TYR A 34 17.93 11.35 17.19
C TYR A 34 18.32 12.81 17.10
N ASN A 35 19.60 13.07 17.39
CA ASN A 35 20.06 14.46 17.49
C ASN A 35 21.42 14.66 16.84
N TRP A 36 21.80 13.78 15.92
CA TRP A 36 23.07 13.78 15.20
C TRP A 36 24.26 13.50 16.11
N ASP A 37 24.04 13.23 17.40
CA ASP A 37 25.07 13.18 18.42
C ASP A 37 25.09 11.80 19.07
N THR A 38 26.04 11.61 19.99
CA THR A 38 26.35 10.31 20.58
C THR A 38 25.58 10.02 21.88
N GLN A 39 24.75 10.94 22.35
CA GLN A 39 23.99 10.71 23.58
C GLN A 39 22.75 11.56 23.54
N ALA A 40 21.72 11.15 24.29
CA ALA A 40 20.45 11.84 24.29
C ALA A 40 20.60 13.24 24.85
N ASP A 41 19.72 14.14 24.38
CA ASP A 41 19.71 15.53 24.84
C ASP A 41 19.80 15.61 26.36
N ALA A 42 20.63 16.53 26.85
CA ALA A 42 21.00 16.53 28.28
C ALA A 42 19.78 16.62 29.20
N ASN A 43 18.80 17.44 28.86
CA ASN A 43 17.69 17.68 29.78
C ASN A 43 16.66 16.57 29.78
N VAL A 44 16.75 15.61 28.86
CA VAL A 44 15.86 14.46 28.85
C VAL A 44 16.60 13.14 28.96
N LYS A 45 17.93 13.18 29.12
CA LYS A 45 18.72 11.94 29.08
C LYS A 45 18.30 10.97 30.17
N GLU A 46 17.96 11.49 31.36
CA GLU A 46 17.62 10.61 32.47
C GLU A 46 16.25 9.97 32.29
N ASN A 47 15.27 10.71 31.78
CA ASN A 47 13.88 10.27 31.87
C ASN A 47 13.18 10.01 30.54
N TYR A 48 13.87 10.12 29.39
CA TYR A 48 13.13 10.03 28.13
C TYR A 48 12.42 8.70 27.98
N ALA A 49 13.02 7.61 28.46
CA ALA A 49 12.42 6.30 28.26
C ALA A 49 11.09 6.18 28.97
N SER A 50 10.92 6.91 30.07
CA SER A 50 9.66 6.84 30.81
C SER A 50 8.50 7.49 30.07
N TYR A 51 8.77 8.24 28.99
CA TYR A 51 7.72 8.82 28.16
C TYR A 51 7.52 8.06 26.86
N GLY A 52 8.07 6.85 26.76
CA GLY A 52 7.83 5.98 25.63
C GLY A 52 8.80 6.10 24.48
N TYR A 53 9.86 6.90 24.62
CA TYR A 53 10.78 7.14 23.52
C TYR A 53 11.97 6.20 23.56
N ASP A 54 12.45 5.83 22.39
CA ASP A 54 13.82 5.34 22.31
C ASP A 54 14.68 6.38 21.60
N PHE A 55 15.90 6.53 22.08
CA PHE A 55 16.86 7.44 21.49
C PHE A 55 17.81 6.66 20.61
N VAL A 56 18.13 7.22 19.44
CA VAL A 56 19.03 6.57 18.50
C VAL A 56 20.30 7.41 18.40
N PRO A 57 21.43 6.96 18.96
CA PRO A 57 22.69 7.69 18.79
C PRO A 57 23.16 7.64 17.34
N MET A 58 24.02 8.60 17.01
CA MET A 58 24.64 8.68 15.69
C MET A 58 26.14 8.86 15.83
N ALA A 59 26.89 8.23 14.93
CA ALA A 59 28.31 8.55 14.69
C ALA A 59 28.35 9.40 13.43
N TRP A 60 28.40 10.72 13.61
CA TRP A 60 28.22 11.65 12.51
C TRP A 60 29.31 11.49 11.45
N ASP A 61 30.56 11.35 11.88
CA ASP A 61 31.65 10.92 11.01
C ASP A 61 32.57 10.02 11.80
N GLU A 62 33.71 9.65 11.19
CA GLU A 62 34.59 8.68 11.83
C GLU A 62 35.32 9.25 13.04
N ASN A 63 35.25 10.56 13.26
CA ASN A 63 35.88 11.21 14.40
C ASN A 63 34.94 11.39 15.58
N PHE A 64 33.78 10.74 15.57
CA PHE A 64 32.83 10.83 16.66
C PHE A 64 33.48 10.42 17.98
N ASN A 65 32.95 10.99 19.07
CA ASN A 65 33.46 10.68 20.40
C ASN A 65 33.01 9.28 20.83
N GLU A 66 33.87 8.29 20.61
CA GLU A 66 33.49 6.90 20.90
C GLU A 66 33.37 6.67 22.39
N GLU A 67 34.23 7.32 23.19
CA GLU A 67 34.14 7.20 24.63
C GLU A 67 32.80 7.71 25.13
N ALA A 68 32.33 8.84 24.59
CA ALA A 68 31.03 9.38 24.99
C ALA A 68 29.91 8.44 24.57
N LEU A 69 30.02 7.84 23.38
CA LEU A 69 28.97 6.95 22.89
C LEU A 69 28.89 5.69 23.76
N ARG A 70 30.03 5.05 24.03
CA ARG A 70 30.01 3.83 24.84
C ARG A 70 29.56 4.12 26.27
N SER A 71 29.98 5.25 26.84
CA SER A 71 29.52 5.60 28.17
C SER A 71 28.01 5.78 28.22
N PHE A 72 27.44 6.44 27.21
CA PHE A 72 25.99 6.59 27.14
C PHE A 72 25.32 5.22 27.03
N LEU A 73 25.84 4.36 26.16
CA LEU A 73 25.25 3.03 26.00
C LEU A 73 25.38 2.20 27.27
N ASP A 74 26.44 2.40 28.05
CA ASP A 74 26.57 1.70 29.32
C ASP A 74 25.38 1.99 30.22
N ASN A 75 24.90 3.23 30.22
CA ASN A 75 23.84 3.67 31.11
C ASN A 75 22.44 3.58 30.50
N HIS A 76 22.33 3.18 29.24
CA HIS A 76 21.05 3.15 28.54
C HIS A 76 20.93 1.86 27.74
N PRO A 77 20.58 0.76 28.40
CA PRO A 77 20.50 -0.53 27.70
C PRO A 77 19.29 -0.71 26.82
N ASP A 78 18.32 0.21 26.84
CA ASP A 78 17.18 0.11 25.94
C ASP A 78 17.51 0.58 24.53
N VAL A 79 18.66 1.22 24.32
CA VAL A 79 19.03 1.66 22.98
C VAL A 79 19.18 0.45 22.08
N LYS A 80 18.59 0.53 20.89
CA LYS A 80 18.55 -0.61 19.98
C LYS A 80 19.23 -0.36 18.64
N TYR A 81 19.52 0.91 18.30
CA TYR A 81 19.99 1.26 16.97
C TYR A 81 21.11 2.27 17.06
N LEU A 82 21.95 2.29 16.02
CA LEU A 82 23.03 3.26 15.89
C LEU A 82 23.07 3.72 14.44
N LEU A 83 23.05 5.04 14.22
CA LEU A 83 23.11 5.62 12.90
C LEU A 83 24.55 5.86 12.47
N GLY A 84 24.87 5.42 11.26
CA GLY A 84 26.17 5.67 10.67
C GLY A 84 26.29 7.07 10.10
N TRP A 85 27.36 7.27 9.32
CA TRP A 85 27.84 8.60 8.99
C TRP A 85 26.77 9.45 8.31
N ASN A 86 26.76 10.75 8.63
CA ASN A 86 25.77 11.67 8.09
C ASN A 86 26.27 12.26 6.78
N GLN A 87 25.62 11.92 5.67
CA GLN A 87 25.95 12.47 4.36
C GLN A 87 27.44 12.41 4.02
N PRO A 88 28.04 11.21 4.03
CA PRO A 88 29.45 11.11 3.63
C PRO A 88 29.70 11.54 2.21
N ASN A 89 28.67 11.53 1.36
CA ASN A 89 28.81 11.99 -0.02
C ASN A 89 28.72 13.51 -0.15
N PHE A 90 28.74 14.24 0.95
CA PHE A 90 28.79 15.70 0.97
C PHE A 90 30.12 16.12 1.56
N MET A 91 30.86 16.93 0.82
CA MET A 91 32.13 17.44 1.33
C MET A 91 31.93 18.26 2.59
N GLU A 92 30.77 18.90 2.73
CA GLU A 92 30.47 19.73 3.89
C GLU A 92 29.92 18.96 5.08
N GLN A 93 29.67 17.65 4.93
CA GLN A 93 29.19 16.82 6.03
C GLN A 93 30.28 15.79 6.34
N ALA A 94 29.97 14.48 6.35
CA ALA A 94 30.96 13.50 6.78
C ALA A 94 32.12 13.36 5.79
N ASN A 95 31.91 13.66 4.50
CA ASN A 95 33.00 13.80 3.54
C ASN A 95 33.90 12.55 3.48
N LEU A 96 33.29 11.41 3.13
CA LEU A 96 34.00 10.15 3.02
C LEU A 96 33.61 9.49 1.71
N THR A 97 34.60 9.09 0.91
CA THR A 97 34.30 8.30 -0.27
C THR A 97 33.65 6.99 0.16
N PRO A 98 32.99 6.28 -0.76
CA PRO A 98 32.46 4.97 -0.37
C PRO A 98 33.49 4.06 0.26
N ALA A 99 34.70 4.02 -0.31
CA ALA A 99 35.76 3.20 0.25
C ALA A 99 36.15 3.63 1.65
N GLU A 100 36.25 4.94 1.89
CA GLU A 100 36.59 5.41 3.23
C GLU A 100 35.47 5.13 4.22
N ALA A 101 34.21 5.34 3.80
CA ALA A 101 33.08 5.06 4.68
C ALA A 101 33.06 3.59 5.08
N ALA A 102 33.41 2.70 4.16
CA ALA A 102 33.50 1.27 4.47
C ALA A 102 34.70 0.98 5.37
N ALA A 103 35.83 1.64 5.12
CA ALA A 103 37.04 1.33 5.89
C ALA A 103 36.88 1.66 7.37
N HIS A 104 36.07 2.67 7.70
CA HIS A 104 35.84 3.05 9.08
C HIS A 104 34.66 2.33 9.72
N TRP A 105 33.90 1.57 8.94
CA TRP A 105 32.72 0.89 9.46
C TRP A 105 32.99 -0.08 10.61
N PRO A 106 34.11 -0.81 10.67
CA PRO A 106 34.30 -1.76 11.77
C PRO A 106 34.22 -1.13 13.15
N VAL A 107 34.55 0.16 13.29
CA VAL A 107 34.40 0.80 14.60
C VAL A 107 32.94 0.74 15.06
N LEU A 108 32.01 0.95 14.12
CA LEU A 108 30.60 0.92 14.48
C LEU A 108 30.13 -0.51 14.71
N GLU A 109 30.66 -1.47 13.94
CA GLU A 109 30.28 -2.86 14.14
C GLU A 109 30.69 -3.35 15.53
N ALA A 110 31.85 -2.92 16.01
CA ALA A 110 32.30 -3.34 17.33
C ALA A 110 31.35 -2.83 18.41
N ILE A 111 30.90 -1.58 18.28
CA ILE A 111 29.91 -1.03 19.22
C ILE A 111 28.60 -1.79 19.13
N ALA A 112 28.15 -2.10 17.91
CA ALA A 112 26.91 -2.84 17.74
C ALA A 112 27.00 -4.23 18.35
N GLN A 113 28.15 -4.89 18.21
CA GLN A 113 28.31 -6.20 18.84
C GLN A 113 28.31 -6.09 20.35
N ASP A 114 29.03 -5.09 20.88
CA ASP A 114 29.18 -4.97 22.33
C ASP A 114 27.86 -4.66 23.02
N TYR A 115 26.96 -3.94 22.34
CA TYR A 115 25.72 -3.48 22.96
C TYR A 115 24.47 -4.06 22.31
N ASN A 116 24.62 -5.02 21.40
CA ASN A 116 23.50 -5.66 20.72
C ASN A 116 22.60 -4.65 20.00
N LEU A 117 23.22 -3.88 19.11
CA LEU A 117 22.52 -2.87 18.33
C LEU A 117 22.45 -3.30 16.86
N LYS A 118 21.46 -2.74 16.17
CA LYS A 118 21.42 -2.78 14.72
C LYS A 118 21.95 -1.47 14.16
N LEU A 119 22.51 -1.54 12.96
CA LEU A 119 23.19 -0.41 12.35
C LEU A 119 22.42 0.12 11.14
N VAL A 120 22.32 1.43 11.07
CA VAL A 120 21.74 2.12 9.91
C VAL A 120 22.86 2.63 9.03
N ALA A 121 22.75 2.37 7.73
CA ALA A 121 23.76 2.80 6.75
C ALA A 121 23.95 4.32 6.78
N PRO A 122 25.07 4.81 6.24
CA PRO A 122 25.26 6.26 6.16
C PRO A 122 24.15 6.92 5.38
N ALA A 123 23.66 8.06 5.88
CA ALA A 123 22.56 8.74 5.23
C ALA A 123 23.03 9.43 3.95
N VAL A 124 22.26 9.29 2.88
CA VAL A 124 22.60 9.90 1.60
C VAL A 124 21.44 10.69 1.03
N ASN A 125 21.79 11.59 0.12
CA ASN A 125 20.88 12.38 -0.71
C ASN A 125 21.66 12.65 -1.98
N TYR A 126 20.95 13.09 -3.03
CA TYR A 126 21.66 13.75 -4.13
C TYR A 126 22.56 14.83 -3.56
N SER A 127 23.78 14.92 -4.08
CA SER A 127 24.81 15.79 -3.54
C SER A 127 25.35 16.74 -4.60
N PRO A 128 26.13 17.73 -4.20
CA PRO A 128 26.83 18.58 -5.19
C PRO A 128 27.84 17.82 -6.05
N GLY A 129 28.23 16.61 -5.66
CA GLY A 129 29.13 15.82 -6.47
C GLY A 129 30.60 16.06 -6.22
N ASN A 130 30.97 16.52 -5.03
CA ASN A 130 32.36 16.82 -4.70
C ASN A 130 33.03 15.74 -3.86
N VAL A 131 32.38 14.60 -3.67
CA VAL A 131 33.00 13.40 -3.14
C VAL A 131 32.99 12.39 -4.27
N ASP A 132 34.18 11.92 -4.67
CA ASP A 132 34.27 11.08 -5.85
C ASP A 132 33.75 9.67 -5.59
N ILE A 133 32.96 9.18 -6.53
CA ILE A 133 32.56 7.78 -6.63
C ILE A 133 33.37 7.18 -7.77
N PRO A 134 34.21 6.18 -7.53
CA PRO A 134 34.97 5.58 -8.64
C PRO A 134 34.05 4.92 -9.67
N GLY A 135 34.45 5.03 -10.94
CA GLY A 135 33.73 4.38 -12.01
C GLY A 135 32.57 5.14 -12.60
N THR A 136 32.35 6.38 -12.18
CA THR A 136 31.25 7.17 -12.72
C THR A 136 31.62 8.64 -12.69
N ASP A 137 31.05 9.39 -13.64
CA ASP A 137 31.07 10.84 -13.56
C ASP A 137 29.94 11.38 -12.70
N ASP A 138 28.96 10.55 -12.37
CA ASP A 138 27.76 10.98 -11.64
C ASP A 138 28.00 10.87 -10.13
N ASP A 139 28.97 11.64 -9.64
CA ASP A 139 29.32 11.62 -8.22
C ASP A 139 28.20 12.11 -7.33
N TYR A 140 27.23 12.82 -7.89
CA TYR A 140 26.07 13.33 -7.17
C TYR A 140 25.04 12.26 -6.83
N ASP A 141 25.18 11.05 -7.36
CA ASP A 141 24.10 10.07 -7.37
C ASP A 141 24.14 9.25 -6.08
N PRO A 142 23.05 9.22 -5.29
CA PRO A 142 23.11 8.53 -3.99
C PRO A 142 23.10 7.01 -4.10
N TRP A 143 22.48 6.47 -5.15
CA TRP A 143 22.48 5.02 -5.32
C TRP A 143 23.83 4.53 -5.80
N LEU A 144 24.50 5.29 -6.68
CA LEU A 144 25.86 4.93 -7.03
C LEU A 144 26.76 4.97 -5.80
N TYR A 145 26.52 5.92 -4.89
CA TYR A 145 27.31 5.96 -3.66
C TYR A 145 27.08 4.70 -2.83
N LEU A 146 25.81 4.37 -2.56
CA LEU A 146 25.52 3.21 -1.73
C LEU A 146 26.00 1.92 -2.39
N ASP A 147 25.84 1.78 -3.71
CA ASP A 147 26.34 0.61 -4.41
C ASP A 147 27.82 0.41 -4.10
N ALA A 148 28.60 1.49 -4.24
CA ALA A 148 30.04 1.41 -4.01
C ALA A 148 30.35 1.17 -2.54
N PHE A 149 29.58 1.78 -1.64
CA PHE A 149 29.77 1.55 -0.22
C PHE A 149 29.56 0.07 0.14
N PHE A 150 28.44 -0.51 -0.32
CA PHE A 150 28.19 -1.92 -0.03
C PHE A 150 29.24 -2.83 -0.65
N GLU A 151 29.71 -2.51 -1.86
CA GLU A 151 30.75 -3.32 -2.49
C GLU A 151 32.05 -3.28 -1.71
N ALA A 152 32.39 -2.12 -1.14
CA ALA A 152 33.60 -2.02 -0.35
C ALA A 152 33.41 -2.65 1.02
N CYS A 153 32.20 -2.54 1.57
CA CYS A 153 31.89 -3.04 2.90
C CYS A 153 31.44 -4.50 2.84
N GLU A 154 32.28 -5.35 2.26
CA GLU A 154 31.94 -6.76 2.11
C GLU A 154 31.84 -7.41 3.48
N GLY A 155 30.72 -8.07 3.73
CA GLY A 155 30.47 -8.72 5.01
C GLY A 155 30.08 -7.79 6.14
N CYS A 156 29.92 -6.50 5.89
CA CYS A 156 29.61 -5.56 6.96
C CYS A 156 28.19 -5.76 7.46
N GLN A 157 28.01 -5.50 8.76
CA GLN A 157 26.67 -5.46 9.34
C GLN A 157 26.04 -4.13 8.95
N VAL A 158 24.99 -4.19 8.13
CA VAL A 158 24.19 -3.02 7.78
C VAL A 158 22.75 -3.48 7.76
N ASP A 159 21.96 -3.04 8.74
CA ASP A 159 20.60 -3.55 8.91
C ASP A 159 19.55 -2.70 8.21
N TYR A 160 19.83 -1.42 8.00
CA TYR A 160 18.84 -0.47 7.50
C TYR A 160 19.52 0.53 6.57
N ILE A 161 18.71 1.17 5.73
CA ILE A 161 19.15 2.24 4.84
C ILE A 161 18.65 3.57 5.40
N ALA A 162 19.50 4.60 5.38
CA ALA A 162 19.08 5.94 5.76
C ALA A 162 19.03 6.86 4.55
N VAL A 163 17.94 7.64 4.46
CA VAL A 163 17.65 8.49 3.32
C VAL A 163 17.36 9.91 3.81
N HIS A 164 17.90 10.91 3.12
CA HIS A 164 17.48 12.29 3.25
C HIS A 164 16.82 12.75 1.96
N CYS A 165 15.82 13.62 2.07
CA CYS A 165 15.16 14.15 0.88
C CYS A 165 14.68 15.57 1.15
N TYR A 166 14.94 16.47 0.22
CA TYR A 166 14.46 17.84 0.34
C TYR A 166 13.61 18.27 -0.86
N MET A 167 13.12 17.31 -1.64
CA MET A 167 12.17 17.60 -2.69
C MET A 167 10.87 18.13 -2.08
N LYS A 168 10.12 18.88 -2.88
CA LYS A 168 8.87 19.48 -2.41
C LYS A 168 7.64 18.93 -3.08
N TYR A 169 7.79 17.96 -3.96
CA TYR A 169 6.66 17.32 -4.63
C TYR A 169 6.49 15.92 -4.06
N GLU A 170 5.30 15.63 -3.56
CA GLU A 170 5.08 14.35 -2.90
C GLU A 170 5.29 13.17 -3.84
N SER A 171 4.98 13.32 -5.14
CA SER A 171 5.19 12.22 -6.06
C SER A 171 6.67 11.99 -6.34
N ALA A 172 7.48 13.06 -6.33
CA ALA A 172 8.92 12.92 -6.45
C ALA A 172 9.50 12.24 -5.21
N PHE A 173 9.01 12.64 -4.02
CA PHE A 173 9.47 12.01 -2.78
C PHE A 173 9.21 10.51 -2.79
N SER A 174 8.00 10.11 -3.18
CA SER A 174 7.69 8.69 -3.13
C SER A 174 8.51 7.91 -4.15
N TRP A 175 8.70 8.46 -5.35
CA TRP A 175 9.58 7.80 -6.32
C TRP A 175 10.98 7.65 -5.75
N TYR A 176 11.52 8.74 -5.20
CA TYR A 176 12.91 8.79 -4.75
C TYR A 176 13.14 7.81 -3.60
N VAL A 177 12.31 7.88 -2.56
CA VAL A 177 12.49 6.97 -1.42
C VAL A 177 12.31 5.53 -1.88
N GLY A 178 11.33 5.28 -2.75
CA GLY A 178 11.09 3.92 -3.23
C GLY A 178 12.28 3.31 -3.96
N GLU A 179 13.11 4.14 -4.58
CA GLU A 179 14.29 3.63 -5.26
C GLU A 179 15.25 2.95 -4.30
N PHE A 180 15.26 3.36 -3.03
CA PHE A 180 16.15 2.73 -2.06
C PHE A 180 15.65 1.37 -1.59
N GLU A 181 14.43 0.96 -1.95
CA GLU A 181 13.95 -0.36 -1.54
C GLU A 181 14.72 -1.49 -2.21
N ARG A 182 15.49 -1.18 -3.25
N ARG A 182 15.48 -1.20 -3.26
CA ARG A 182 16.20 -2.21 -4.01
CA ARG A 182 16.18 -2.24 -4.00
C ARG A 182 17.21 -2.97 -3.15
C ARG A 182 17.20 -2.99 -3.14
N TYR A 183 17.68 -2.38 -2.05
CA TYR A 183 18.71 -3.00 -1.24
C TYR A 183 18.18 -4.05 -0.28
N ASN A 184 16.86 -4.26 -0.23
CA ASN A 184 16.25 -5.30 0.59
C ASN A 184 16.50 -5.09 2.08
N LYS A 185 16.54 -3.82 2.49
CA LYS A 185 16.62 -3.47 3.91
C LYS A 185 15.56 -2.42 4.23
N PRO A 186 14.97 -2.46 5.42
CA PRO A 186 14.00 -1.42 5.76
C PRO A 186 14.64 -0.05 5.79
N ILE A 187 13.88 0.96 5.42
CA ILE A 187 14.38 2.31 5.20
C ILE A 187 14.03 3.22 6.38
N TRP A 188 14.98 4.05 6.80
CA TRP A 188 14.72 5.16 7.70
C TRP A 188 14.89 6.45 6.90
N VAL A 189 13.83 7.25 6.83
CA VAL A 189 13.95 8.59 6.25
C VAL A 189 14.31 9.52 7.41
N THR A 190 15.61 9.79 7.59
CA THR A 190 16.07 10.43 8.81
C THR A 190 16.10 11.95 8.70
N GLU A 191 15.93 12.53 7.51
CA GLU A 191 15.67 13.96 7.38
C GLU A 191 14.83 14.15 6.15
N TRP A 192 13.73 14.88 6.28
CA TRP A 192 13.07 15.37 5.08
C TRP A 192 12.25 16.59 5.41
N ALA A 193 12.05 17.43 4.39
CA ALA A 193 11.16 18.58 4.38
C ALA A 193 11.14 19.09 2.96
N GLY A 194 10.06 19.77 2.58
CA GLY A 194 10.03 20.41 1.27
C GLY A 194 10.92 21.64 1.28
N TRP A 195 11.88 21.72 0.36
CA TRP A 195 12.82 22.84 0.43
C TRP A 195 13.45 23.18 -0.91
N ASP A 196 13.84 22.18 -1.69
CA ASP A 196 14.47 22.41 -2.97
C ASP A 196 13.48 22.99 -3.98
N ASP A 197 14.03 23.50 -5.09
CA ASP A 197 13.24 24.00 -6.21
C ASP A 197 12.28 25.12 -5.78
N GLY A 198 12.75 26.00 -4.91
CA GLY A 198 11.95 27.09 -4.42
C GLY A 198 11.21 26.80 -3.13
N GLY A 199 11.02 25.52 -2.78
CA GLY A 199 10.38 25.16 -1.54
C GLY A 199 8.92 25.57 -1.47
N PRO A 200 8.35 25.49 -0.27
CA PRO A 200 6.93 25.84 -0.11
C PRO A 200 6.69 27.34 -0.27
N ALA A 201 5.57 27.68 -0.91
CA ALA A 201 5.18 29.08 -1.07
C ALA A 201 4.65 29.67 0.24
N ASN A 202 4.20 28.82 1.16
CA ASN A 202 3.63 29.26 2.43
C ASN A 202 3.61 28.06 3.36
N MET A 203 3.27 28.31 4.62
CA MET A 203 3.25 27.26 5.63
C MET A 203 2.28 26.14 5.25
N GLY A 204 1.11 26.50 4.70
CA GLY A 204 0.14 25.49 4.33
C GLY A 204 0.69 24.49 3.32
N GLU A 205 1.48 24.97 2.35
CA GLU A 205 2.08 24.04 1.38
C GLU A 205 2.99 23.03 2.07
N GLN A 206 3.77 23.47 3.05
CA GLN A 206 4.63 22.53 3.78
C GLN A 206 3.78 21.55 4.58
N MET A 207 2.69 22.03 5.20
CA MET A 207 1.81 21.14 5.93
C MET A 207 1.18 20.10 5.02
N ASN A 208 0.76 20.50 3.82
CA ASN A 208 0.18 19.54 2.87
C ASN A 208 1.22 18.52 2.43
N PHE A 209 2.44 18.98 2.15
CA PHE A 209 3.50 18.07 1.74
C PHE A 209 3.83 17.08 2.84
N LEU A 210 3.96 17.58 4.07
CA LEU A 210 4.18 16.69 5.21
C LEU A 210 3.06 15.65 5.33
N SER A 211 1.80 16.08 5.20
CA SER A 211 0.70 15.14 5.31
C SER A 211 0.79 14.06 4.22
N ASP A 212 0.99 14.49 2.97
CA ASP A 212 1.02 13.53 1.87
C ASP A 212 2.13 12.51 2.08
N THR A 213 3.31 12.97 2.49
CA THR A 213 4.47 12.09 2.60
C THR A 213 4.43 11.22 3.86
N VAL A 214 4.00 11.76 5.00
CA VAL A 214 3.77 10.93 6.18
C VAL A 214 2.80 9.81 5.87
N ARG A 215 1.70 10.14 5.18
CA ARG A 215 0.67 9.13 4.90
C ARG A 215 1.21 8.05 3.98
N TRP A 216 2.00 8.44 2.97
CA TRP A 216 2.62 7.45 2.10
C TRP A 216 3.57 6.55 2.87
N MET A 217 4.35 7.13 3.79
CA MET A 217 5.32 6.32 4.54
C MET A 217 4.64 5.39 5.52
N GLU A 218 3.55 5.83 6.17
CA GLU A 218 2.83 4.94 7.07
C GLU A 218 2.29 3.72 6.33
N SER A 219 1.90 3.89 5.07
CA SER A 219 1.33 2.80 4.29
C SER A 219 2.36 1.95 3.57
N ASN A 220 3.64 2.36 3.57
CA ASN A 220 4.70 1.62 2.88
C ASN A 220 5.42 0.74 3.89
N ASP A 221 5.20 -0.58 3.78
CA ASP A 221 5.79 -1.51 4.74
C ASP A 221 7.31 -1.48 4.72
N ASN A 222 7.92 -1.03 3.62
CA ASN A 222 9.38 -0.96 3.53
C ASN A 222 9.97 0.26 4.24
N ILE A 223 9.16 1.16 4.75
CA ILE A 223 9.63 2.25 5.60
C ILE A 223 9.54 1.82 7.05
N TYR A 224 10.68 1.78 7.72
CA TYR A 224 10.76 1.41 9.13
C TYR A 224 10.50 2.62 10.02
N ARG A 225 11.14 3.74 9.72
CA ARG A 225 11.09 4.92 10.56
C ARG A 225 11.24 6.17 9.70
N TYR A 226 10.71 7.28 10.19
CA TYR A 226 10.93 8.57 9.55
C TYR A 226 11.02 9.64 10.61
N SER A 227 11.77 10.70 10.30
CA SER A 227 11.91 11.84 11.22
C SER A 227 12.01 13.13 10.43
N TRP A 228 11.06 14.02 10.67
CA TRP A 228 11.02 15.31 10.01
C TRP A 228 12.19 16.19 10.43
N PHE A 229 12.69 16.98 9.48
CA PHE A 229 13.70 17.99 9.76
C PHE A 229 12.96 19.32 9.92
N LEU A 230 12.86 19.84 11.15
CA LEU A 230 13.47 19.34 12.39
C LEU A 230 12.66 19.91 13.55
N GLY A 231 13.01 19.57 14.78
CA GLY A 231 12.21 19.98 15.92
C GLY A 231 11.99 21.48 16.05
N ARG A 232 13.08 22.24 16.08
CA ARG A 232 13.03 23.70 16.03
C ARG A 232 14.18 24.18 15.18
N SER A 233 13.96 25.27 14.47
CA SER A 233 14.97 25.89 13.62
C SER A 233 15.40 27.20 14.26
N SER A 234 16.59 27.67 13.87
N SER A 234 16.59 27.68 13.87
CA SER A 234 17.10 28.93 14.39
CA SER A 234 17.07 28.93 14.43
C SER A 234 16.17 30.08 14.04
C SER A 234 16.17 30.10 14.05
N GLU A 235 15.65 30.11 12.81
CA GLU A 235 14.82 31.21 12.35
C GLU A 235 13.39 31.16 12.88
N GLY A 236 12.89 29.97 13.18
CA GLY A 236 11.56 29.85 13.76
C GLY A 236 10.51 29.40 12.76
N TYR A 237 9.33 29.10 13.32
CA TYR A 237 8.37 28.27 12.62
C TYR A 237 7.69 28.98 11.47
N ASP A 238 7.57 30.29 11.53
CA ASP A 238 6.86 31.06 10.52
C ASP A 238 7.78 31.66 9.47
N GLN A 239 9.04 31.25 9.44
CA GLN A 239 9.97 31.66 8.41
C GLN A 239 10.24 30.51 7.46
N PHE A 240 10.34 30.84 6.17
CA PHE A 240 10.59 29.84 5.14
C PHE A 240 11.80 28.98 5.52
N PRO A 241 11.73 27.65 5.32
CA PRO A 241 10.63 26.87 4.73
C PRO A 241 9.69 26.23 5.76
N TYR A 242 9.50 26.87 6.91
CA TYR A 242 8.43 26.52 7.86
C TYR A 242 8.64 25.13 8.46
N LEU A 243 9.83 24.92 9.03
CA LEU A 243 10.28 23.58 9.40
C LEU A 243 9.79 23.11 10.77
N ASP A 244 9.63 24.03 11.73
CA ASP A 244 9.58 23.63 13.14
C ASP A 244 8.35 22.81 13.46
N VAL A 245 8.57 21.77 14.26
CA VAL A 245 7.49 20.94 14.84
C VAL A 245 7.07 21.44 16.21
N LEU A 246 8.04 21.93 17.00
CA LEU A 246 7.81 22.42 18.35
C LEU A 246 7.86 23.94 18.34
N LEU A 247 7.01 24.55 19.17
CA LEU A 247 6.92 26.01 19.24
C LEU A 247 7.47 26.47 20.58
N ALA A 248 6.64 27.03 21.47
CA ALA A 248 7.12 27.30 22.82
C ALA A 248 7.40 25.98 23.54
N ASP A 249 8.06 26.06 24.69
CA ASP A 249 8.32 24.87 25.50
C ASP A 249 7.04 24.07 25.70
N GLY A 250 7.10 22.78 25.38
CA GLY A 250 5.97 21.91 25.61
C GLY A 250 4.77 22.12 24.71
N GLU A 251 4.95 22.82 23.59
CA GLU A 251 3.85 23.15 22.68
C GLU A 251 4.27 22.93 21.23
N LEU A 252 3.29 22.66 20.38
CA LEU A 252 3.53 22.35 18.98
C LEU A 252 3.23 23.55 18.08
N THR A 253 3.85 23.55 16.92
CA THR A 253 3.46 24.45 15.84
C THR A 253 2.25 23.88 15.11
N PRO A 254 1.61 24.67 14.25
CA PRO A 254 0.57 24.09 13.37
C PRO A 254 1.08 22.88 12.60
N LEU A 255 2.28 22.97 12.02
CA LEU A 255 2.83 21.83 11.30
C LEU A 255 3.07 20.65 12.21
N GLY A 256 3.54 20.90 13.44
CA GLY A 256 3.76 19.83 14.38
C GLY A 256 2.49 19.17 14.83
N SER A 257 1.38 19.93 14.88
CA SER A 257 0.08 19.34 15.16
C SER A 257 -0.31 18.35 14.07
N VAL A 258 -0.10 18.72 12.80
CA VAL A 258 -0.37 17.78 11.72
C VAL A 258 0.52 16.55 11.86
N TYR A 259 1.83 16.78 12.04
CA TYR A 259 2.80 15.70 12.09
C TYR A 259 2.47 14.68 13.18
N THR A 260 2.15 15.17 14.37
CA THR A 260 1.91 14.29 15.50
C THR A 260 0.52 13.68 15.49
N SER A 261 -0.43 14.27 14.77
CA SER A 261 -1.80 13.75 14.80
C SER A 261 -2.08 12.64 13.79
N ILE A 262 -1.35 12.59 12.68
CA ILE A 262 -1.66 11.64 11.61
C ILE A 262 -1.48 10.22 12.12
N PRO A 263 -2.51 9.38 12.03
CA PRO A 263 -2.41 8.02 12.59
C PRO A 263 -1.70 7.06 11.64
N SER A 264 -1.16 6.01 12.24
CA SER A 264 -0.71 4.85 11.49
C SER A 264 -1.91 4.13 10.88
N ASN A 265 -1.62 3.16 10.02
CA ASN A 265 -2.69 2.41 9.37
C ASN A 265 -3.54 1.66 10.40
N ASP A 266 -2.90 1.16 11.46
CA ASP A 266 -3.57 0.27 12.40
C ASP A 266 -4.12 0.97 13.62
N PHE A 267 -3.68 2.20 13.90
CA PHE A 267 -4.21 2.92 15.06
C PHE A 267 -5.71 3.10 14.92
N ARG A 268 -6.43 3.05 16.04
CA ARG A 268 -7.85 3.34 16.05
C ARG A 268 -8.17 4.27 17.22
N TYR A 269 -9.00 5.29 16.96
CA TYR A 269 -9.40 6.23 18.00
C TYR A 269 -10.42 5.59 18.94
N LYS A 270 -10.21 5.80 20.23
CA LYS A 270 -11.21 5.48 21.24
C LYS A 270 -12.07 6.71 21.50
N ILE A 271 -13.33 6.47 21.87
CA ILE A 271 -14.30 7.54 22.09
C ILE A 271 -15.04 7.26 23.39
N PRO A 272 -15.67 8.28 24.01
CA PRO A 272 -15.73 9.72 23.69
C PRO A 272 -14.34 10.35 23.65
N ALA A 273 -14.16 11.30 22.73
CA ALA A 273 -12.89 11.99 22.60
C ALA A 273 -13.07 13.18 21.69
N ARG A 274 -12.19 14.17 21.86
N ARG A 274 -12.21 14.18 21.89
CA ARG A 274 -11.95 15.19 20.85
CA ARG A 274 -11.92 15.18 20.86
C ARG A 274 -10.82 14.70 19.96
C ARG A 274 -10.84 14.61 19.96
N ILE A 275 -11.03 14.79 18.65
CA ILE A 275 -10.05 14.35 17.66
C ILE A 275 -9.75 15.55 16.78
N GLU A 276 -8.47 15.87 16.63
CA GLU A 276 -8.12 16.98 15.75
C GLU A 276 -8.48 16.65 14.30
N ALA A 277 -8.95 17.64 13.56
CA ALA A 277 -9.35 17.37 12.18
C ALA A 277 -8.18 16.82 11.38
N GLU A 278 -6.97 17.30 11.67
CA GLU A 278 -5.76 16.87 10.97
C GLU A 278 -5.31 15.47 11.37
N GLY A 279 -6.06 14.78 12.23
CA GLY A 279 -5.76 13.41 12.58
C GLY A 279 -6.55 12.37 11.79
N ALA A 280 -7.07 12.74 10.62
CA ALA A 280 -7.84 11.79 9.83
C ALA A 280 -6.96 10.63 9.38
N HIS A 281 -7.58 9.44 9.29
CA HIS A 281 -6.92 8.29 8.69
C HIS A 281 -6.78 8.42 7.19
N SER A 282 -7.70 9.14 6.56
N SER A 282 -7.70 9.12 6.54
CA SER A 282 -7.72 9.31 5.11
CA SER A 282 -7.59 9.33 5.10
C SER A 282 -8.20 10.71 4.79
C SER A 282 -8.23 10.66 4.74
N LEU A 283 -7.58 11.34 3.80
CA LEU A 283 -8.03 12.64 3.30
C LEU A 283 -8.12 12.56 1.79
N THR A 284 -9.22 13.07 1.24
CA THR A 284 -9.35 13.30 -0.19
C THR A 284 -9.62 14.79 -0.39
N GLY A 285 -8.69 15.47 -1.05
CA GLY A 285 -8.88 16.87 -1.38
C GLY A 285 -8.58 17.87 -0.28
N PHE A 286 -8.86 17.51 0.98
CA PHE A 286 -8.64 18.47 2.07
C PHE A 286 -7.20 18.94 2.11
N LYS A 287 -7.03 20.25 2.34
CA LYS A 287 -5.74 20.89 2.54
C LYS A 287 -5.66 21.44 3.96
N HIS A 288 -4.47 21.92 4.33
CA HIS A 288 -4.15 22.30 5.70
C HIS A 288 -3.72 23.76 5.76
N LEU A 289 -4.12 24.44 6.84
CA LEU A 289 -3.65 25.79 7.14
C LEU A 289 -3.51 25.93 8.64
N ALA A 290 -2.74 26.92 9.07
CA ALA A 290 -2.77 27.31 10.47
C ALA A 290 -4.12 27.94 10.78
N THR A 291 -4.48 27.93 12.06
CA THR A 291 -5.71 28.59 12.52
C THR A 291 -5.40 29.55 13.65
N THR A 292 -6.25 30.55 13.80
CA THR A 292 -6.20 31.47 14.93
C THR A 292 -7.28 31.20 15.97
N ASP A 293 -7.96 30.05 15.88
CA ASP A 293 -8.99 29.70 16.85
C ASP A 293 -8.38 29.58 18.25
N THR A 294 -9.25 29.65 19.25
CA THR A 294 -8.78 29.71 20.63
C THR A 294 -8.22 28.38 21.14
N THR A 295 -8.58 27.27 20.50
CA THR A 295 -7.90 26.00 20.74
C THR A 295 -7.57 25.38 19.38
N GLY A 296 -6.73 24.37 19.41
CA GLY A 296 -6.24 23.79 18.18
C GLY A 296 -5.17 24.67 17.55
N LEU A 297 -4.53 24.10 16.57
CA LEU A 297 -3.35 24.68 15.93
C LEU A 297 -3.42 24.67 14.41
N ALA A 298 -4.02 23.65 13.83
CA ALA A 298 -4.15 23.53 12.38
C ALA A 298 -5.61 23.25 12.05
N LYS A 299 -6.00 23.60 10.83
CA LYS A 299 -7.33 23.31 10.34
C LYS A 299 -7.23 22.62 8.98
N LEU A 300 -8.23 21.81 8.69
CA LEU A 300 -8.48 21.38 7.33
C LEU A 300 -9.34 22.41 6.64
N ILE A 301 -9.12 22.59 5.35
CA ILE A 301 -9.92 23.53 4.57
C ILE A 301 -10.52 22.82 3.37
N ALA A 302 -11.82 23.03 3.17
CA ALA A 302 -12.57 22.49 2.06
C ALA A 302 -12.95 23.62 1.12
N ALA A 303 -12.92 23.32 -0.18
CA ALA A 303 -13.42 24.21 -1.21
C ALA A 303 -14.52 23.59 -2.06
N SER A 304 -14.72 22.27 -1.97
CA SER A 304 -15.65 21.59 -2.85
C SER A 304 -16.25 20.36 -2.15
N ASN A 305 -15.79 19.17 -2.52
CA ASN A 305 -16.38 17.90 -2.10
C ASN A 305 -15.39 17.02 -1.35
N GLU A 306 -14.53 17.63 -0.56
CA GLU A 306 -13.48 16.92 0.15
C GLU A 306 -14.02 15.96 1.20
N VAL A 307 -13.23 14.93 1.51
CA VAL A 307 -13.63 13.87 2.44
C VAL A 307 -12.50 13.61 3.43
N ALA A 308 -12.86 13.48 4.70
CA ALA A 308 -11.95 13.06 5.76
C ALA A 308 -12.58 11.88 6.47
N GLU A 309 -11.80 10.82 6.72
CA GLU A 309 -12.28 9.64 7.42
C GLU A 309 -11.46 9.39 8.67
N TYR A 310 -12.14 9.01 9.74
CA TYR A 310 -11.56 8.73 11.05
C TYR A 310 -11.96 7.33 11.45
N LYS A 311 -10.98 6.47 11.70
CA LYS A 311 -11.25 5.08 12.03
C LYS A 311 -11.32 4.93 13.55
N LEU A 312 -12.45 4.44 14.04
CA LEU A 312 -12.79 4.39 15.45
C LEU A 312 -12.84 2.94 15.96
N ASN A 313 -12.37 2.74 17.17
CA ASN A 313 -12.56 1.51 17.93
C ASN A 313 -13.61 1.86 19.00
N VAL A 314 -14.87 1.57 18.72
CA VAL A 314 -15.95 1.90 19.64
C VAL A 314 -16.09 0.76 20.64
N GLU A 315 -15.69 1.02 21.88
CA GLU A 315 -15.73 -0.03 22.90
C GLU A 315 -17.08 -0.13 23.57
N GLU A 316 -17.83 0.96 23.61
CA GLU A 316 -19.13 0.99 24.26
C GLU A 316 -20.16 1.50 23.25
N GLY A 317 -21.00 0.59 22.76
CA GLY A 317 -22.05 1.00 21.85
C GLY A 317 -23.03 1.94 22.51
N GLY A 318 -23.59 2.84 21.71
CA GLY A 318 -24.56 3.78 22.23
C GLY A 318 -24.73 4.96 21.29
N ASP A 319 -25.42 5.98 21.79
CA ASP A 319 -25.76 7.17 21.02
C ASP A 319 -24.76 8.26 21.34
N TYR A 320 -23.98 8.67 20.35
CA TYR A 320 -22.94 9.66 20.51
C TYR A 320 -23.33 10.93 19.76
N THR A 321 -23.10 12.07 20.39
CA THR A 321 -23.30 13.36 19.74
C THR A 321 -21.98 13.79 19.11
N LEU A 322 -22.04 14.25 17.86
CA LEU A 322 -20.87 14.72 17.13
C LEU A 322 -20.88 16.25 17.10
N ALA A 323 -19.81 16.87 17.60
CA ALA A 323 -19.60 18.30 17.52
C ALA A 323 -18.47 18.57 16.53
N LEU A 324 -18.67 19.54 15.64
CA LEU A 324 -17.63 20.00 14.72
C LEU A 324 -17.32 21.46 15.01
N ARG A 325 -16.04 21.79 15.03
CA ARG A 325 -15.57 23.17 15.19
C ARG A 325 -15.26 23.70 13.79
N LEU A 326 -16.07 24.66 13.32
CA LEU A 326 -16.14 25.04 11.91
C LEU A 326 -16.12 26.56 11.75
N ALA A 327 -15.65 27.00 10.58
CA ALA A 327 -15.71 28.39 10.16
C ALA A 327 -16.19 28.40 8.71
N SER A 328 -17.16 29.26 8.40
CA SER A 328 -17.74 29.26 7.05
C SER A 328 -18.27 30.64 6.72
N SER A 329 -17.75 31.25 5.65
CA SER A 329 -18.17 32.59 5.25
C SER A 329 -19.57 32.60 4.65
N ALA A 330 -19.93 31.57 3.88
CA ALA A 330 -21.27 31.43 3.33
C ALA A 330 -21.96 30.24 4.01
N ASN A 331 -22.87 29.58 3.31
CA ASN A 331 -23.52 28.39 3.86
C ASN A 331 -22.74 27.15 3.44
N SER A 332 -22.37 26.34 4.42
CA SER A 332 -21.73 25.06 4.18
C SER A 332 -22.62 23.91 4.60
N ASP A 333 -22.57 22.82 3.84
CA ASP A 333 -23.26 21.58 4.15
C ASP A 333 -22.21 20.50 4.29
N ILE A 334 -22.33 19.70 5.34
CA ILE A 334 -21.35 18.64 5.64
C ILE A 334 -22.12 17.37 5.98
N ALA A 335 -21.92 16.34 5.17
CA ALA A 335 -22.56 15.05 5.40
C ALA A 335 -21.69 14.18 6.29
N ILE A 336 -22.33 13.49 7.23
CA ILE A 336 -21.67 12.59 8.17
C ILE A 336 -22.12 11.18 7.86
N ARG A 337 -21.16 10.30 7.58
CA ARG A 337 -21.47 8.90 7.36
C ARG A 337 -20.74 8.02 8.36
N VAL A 338 -21.36 6.87 8.67
CA VAL A 338 -20.75 5.83 9.48
C VAL A 338 -20.77 4.56 8.65
N ASP A 339 -19.58 4.02 8.38
CA ASP A 339 -19.44 2.86 7.51
C ASP A 339 -20.16 3.09 6.18
N GLY A 340 -20.09 4.33 5.70
CA GLY A 340 -20.61 4.68 4.39
C GLY A 340 -22.05 5.13 4.35
N LEU A 341 -22.79 4.99 5.45
CA LEU A 341 -24.22 5.29 5.48
C LEU A 341 -24.46 6.65 6.13
N LEU A 342 -25.34 7.45 5.53
CA LEU A 342 -25.60 8.80 6.01
C LEU A 342 -26.33 8.75 7.35
N VAL A 343 -25.75 9.38 8.37
CA VAL A 343 -26.40 9.46 9.68
C VAL A 343 -26.81 10.89 10.05
N TYR A 344 -26.24 11.91 9.42
CA TYR A 344 -26.54 13.28 9.82
C TYR A 344 -25.95 14.19 8.77
N THR A 345 -26.59 15.33 8.54
CA THR A 345 -26.04 16.38 7.69
C THR A 345 -26.08 17.69 8.45
N PHE A 346 -24.92 18.32 8.61
CA PHE A 346 -24.87 19.71 9.05
C PHE A 346 -25.27 20.59 7.87
N GLU A 347 -26.34 21.37 8.02
N GLU A 347 -26.30 21.40 8.05
CA GLU A 347 -26.89 22.14 6.93
CA GLU A 347 -26.93 22.15 6.98
C GLU A 347 -26.79 23.63 7.22
C GLU A 347 -26.81 23.65 7.23
N ASP A 348 -26.45 24.40 6.19
CA ASP A 348 -26.41 25.86 6.26
C ASP A 348 -25.58 26.36 7.44
N ILE A 349 -24.38 25.79 7.56
CA ILE A 349 -23.43 26.21 8.57
C ILE A 349 -22.81 27.52 8.11
N ASN A 350 -22.92 28.56 8.95
CA ASN A 350 -22.45 29.88 8.57
C ASN A 350 -21.95 30.58 9.82
N THR A 351 -20.71 31.05 9.78
CA THR A 351 -20.15 31.82 10.87
C THR A 351 -19.78 33.24 10.46
N GLY A 352 -19.81 33.55 9.16
CA GLY A 352 -19.49 34.88 8.69
C GLY A 352 -18.04 35.15 8.32
N GLY A 353 -17.14 34.19 8.51
CA GLY A 353 -15.76 34.42 8.13
C GLY A 353 -14.91 33.17 8.23
N VAL A 354 -13.78 33.20 7.53
CA VAL A 354 -12.90 32.04 7.47
C VAL A 354 -12.17 31.78 8.78
N GLU A 355 -12.08 32.77 9.67
CA GLU A 355 -11.53 32.54 10.99
C GLU A 355 -12.50 32.97 12.09
N ALA A 356 -13.79 32.94 11.78
CA ALA A 356 -14.85 33.07 12.77
C ALA A 356 -15.33 31.66 13.08
N TRP A 357 -15.06 31.19 14.30
CA TRP A 357 -15.27 29.80 14.67
C TRP A 357 -16.49 29.61 15.55
N MET A 358 -17.21 28.52 15.32
N MET A 358 -17.21 28.53 15.31
CA MET A 358 -18.30 28.10 16.18
CA MET A 358 -18.29 28.11 16.18
C MET A 358 -18.32 26.59 16.24
C MET A 358 -18.29 26.59 16.26
N THR A 359 -18.90 26.06 17.32
CA THR A 359 -19.06 24.63 17.50
C THR A 359 -20.51 24.26 17.21
N PHE A 360 -20.70 23.26 16.35
CA PHE A 360 -22.02 22.81 15.91
C PHE A 360 -22.18 21.35 16.31
N SER A 361 -23.33 21.02 16.90
CA SER A 361 -23.56 19.66 17.39
C SER A 361 -24.69 18.98 16.63
N SER A 362 -24.50 17.68 16.38
CA SER A 362 -25.49 16.85 15.74
C SER A 362 -26.54 16.39 16.75
N THR A 363 -27.56 15.69 16.23
CA THR A 363 -28.39 14.85 17.07
C THR A 363 -27.62 13.56 17.40
N PRO A 364 -28.04 12.80 18.40
CA PRO A 364 -27.28 11.59 18.76
C PRO A 364 -27.26 10.57 17.64
N ILE A 365 -26.08 10.02 17.39
CA ILE A 365 -25.83 9.07 16.32
C ILE A 365 -25.56 7.71 16.96
N SER A 366 -26.26 6.69 16.49
CA SER A 366 -26.12 5.36 17.07
C SER A 366 -24.86 4.69 16.52
N LEU A 367 -23.94 4.33 17.42
CA LEU A 367 -22.72 3.61 17.04
C LEU A 367 -22.71 2.30 17.79
N THR A 368 -22.68 1.19 17.05
CA THR A 368 -22.53 -0.09 17.70
C THR A 368 -21.09 -0.28 18.15
N ALA A 369 -20.88 -1.18 19.10
CA ALA A 369 -19.52 -1.52 19.49
C ALA A 369 -18.80 -2.17 18.31
N GLY A 370 -17.54 -1.84 18.16
CA GLY A 370 -16.73 -2.39 17.10
C GLY A 370 -16.05 -1.31 16.31
N ASP A 371 -15.43 -1.73 15.21
CA ASP A 371 -14.64 -0.86 14.38
C ASP A 371 -15.57 -0.12 13.41
N HIS A 372 -15.39 1.19 13.29
CA HIS A 372 -16.24 1.98 12.40
C HIS A 372 -15.41 3.05 11.71
N ILE A 373 -15.87 3.47 10.54
CA ILE A 373 -15.31 4.61 9.82
C ILE A 373 -16.28 5.77 9.92
N LEU A 374 -15.84 6.86 10.54
CA LEU A 374 -16.58 8.13 10.56
C LEU A 374 -16.10 8.97 9.38
N ARG A 375 -17.01 9.32 8.48
CA ARG A 375 -16.68 10.05 7.26
C ARG A 375 -17.32 11.44 7.32
N VAL A 376 -16.49 12.46 7.16
CA VAL A 376 -16.92 13.86 7.13
C VAL A 376 -16.74 14.34 5.70
N GLU A 377 -17.85 14.70 5.04
N GLU A 377 -17.83 14.74 5.04
CA GLU A 377 -17.89 15.01 3.61
CA GLU A 377 -17.79 15.01 3.61
C GLU A 377 -18.37 16.44 3.40
C GLU A 377 -18.37 16.38 3.31
N SER A 378 -17.53 17.26 2.77
CA SER A 378 -18.00 18.56 2.32
C SER A 378 -18.95 18.38 1.13
N LYS A 379 -20.09 19.07 1.15
CA LYS A 379 -21.03 19.05 0.02
C LYS A 379 -20.96 20.40 -0.67
N SER A 380 -20.09 20.51 -1.68
N SER A 380 -20.12 20.49 -1.71
CA SER A 380 -19.95 21.72 -2.49
CA SER A 380 -19.89 21.71 -2.49
C SER A 380 -19.88 22.99 -1.63
C SER A 380 -19.87 22.97 -1.63
N SER A 381 -18.95 22.97 -0.67
CA SER A 381 -18.88 24.02 0.34
C SER A 381 -17.45 24.50 0.57
N ARG A 382 -17.33 25.68 1.19
CA ARG A 382 -16.06 26.29 1.54
C ARG A 382 -16.03 26.53 3.05
N PHE A 383 -15.20 25.79 3.77
CA PHE A 383 -15.18 25.95 5.22
C PHE A 383 -13.85 25.48 5.78
N GLY A 384 -13.59 25.91 7.02
CA GLY A 384 -12.47 25.42 7.81
C GLY A 384 -12.98 24.51 8.92
N PHE A 385 -12.15 23.55 9.31
CA PHE A 385 -12.55 22.45 10.20
C PHE A 385 -11.39 22.20 11.14
N ASN A 386 -11.56 22.53 12.42
CA ASN A 386 -10.47 22.47 13.37
C ASN A 386 -10.40 21.13 14.10
N TRP A 387 -11.53 20.67 14.66
CA TRP A 387 -11.57 19.44 15.42
C TRP A 387 -13.00 18.95 15.45
N LEU A 388 -13.15 17.69 15.88
CA LEU A 388 -14.44 17.08 16.10
C LEU A 388 -14.43 16.49 17.50
N GLU A 389 -15.62 16.32 18.08
N GLU A 389 -15.62 16.34 18.08
CA GLU A 389 -15.72 15.67 19.38
CA GLU A 389 -15.78 15.69 19.36
C GLU A 389 -16.95 14.79 19.43
C GLU A 389 -16.95 14.72 19.28
N LEU A 390 -16.75 13.54 19.85
CA LEU A 390 -17.82 12.58 20.06
C LEU A 390 -18.03 12.44 21.57
N THR A 391 -19.26 12.64 22.02
CA THR A 391 -19.61 12.55 23.43
C THR A 391 -20.80 11.61 23.58
N ASN A 392 -20.91 10.98 24.74
CA ASN A 392 -22.10 10.17 25.00
C ASN A 392 -22.76 10.51 26.32
N HIS B 1 11.56 -30.20 -10.75
CA HIS B 1 10.42 -29.29 -10.67
C HIS B 1 10.18 -28.83 -9.24
N MET B 2 10.28 -27.53 -9.00
CA MET B 2 10.11 -26.97 -7.68
C MET B 2 8.63 -26.78 -7.37
N ALA B 3 8.16 -27.39 -6.29
CA ALA B 3 6.80 -27.16 -5.81
C ALA B 3 6.79 -25.87 -5.01
N GLN B 4 6.33 -24.79 -5.64
CA GLN B 4 6.30 -23.49 -4.97
C GLN B 4 5.14 -23.42 -3.98
N ASP B 5 5.27 -22.53 -3.00
CA ASP B 5 4.19 -22.24 -2.07
C ASP B 5 3.01 -21.62 -2.82
N MET B 6 1.88 -21.51 -2.12
CA MET B 6 0.70 -20.88 -2.68
C MET B 6 1.00 -19.47 -3.16
N ARG B 7 0.68 -19.21 -4.44
CA ARG B 7 1.12 -17.97 -5.09
C ARG B 7 0.33 -16.76 -4.59
N SER B 8 -0.97 -16.94 -4.32
CA SER B 8 -1.85 -15.89 -3.86
C SER B 8 -2.96 -16.53 -3.04
N GLU B 9 -3.36 -15.85 -1.97
CA GLU B 9 -4.56 -16.24 -1.22
C GLU B 9 -5.81 -15.51 -1.68
N LYS B 10 -5.66 -14.36 -2.34
CA LYS B 10 -6.80 -13.55 -2.78
C LYS B 10 -7.37 -14.04 -4.10
N ARG B 11 -6.54 -14.65 -4.94
CA ARG B 11 -6.89 -14.87 -6.34
C ARG B 11 -7.85 -16.03 -6.54
N GLY B 12 -8.92 -15.75 -7.28
CA GLY B 12 -9.91 -16.74 -7.64
C GLY B 12 -10.20 -16.71 -9.13
N LEU B 13 -11.28 -17.35 -9.55
CA LEU B 13 -11.69 -17.32 -10.95
C LEU B 13 -13.20 -17.40 -11.02
N ALA B 14 -13.80 -16.70 -11.98
CA ALA B 14 -15.23 -16.81 -12.27
C ALA B 14 -15.36 -17.78 -13.45
N TYR B 15 -15.86 -18.99 -13.18
CA TYR B 15 -15.97 -20.00 -14.23
C TYR B 15 -16.73 -21.20 -13.70
N GLY B 16 -17.56 -21.79 -14.57
CA GLY B 16 -18.37 -22.92 -14.15
C GLY B 16 -18.17 -24.24 -14.88
N TYR B 17 -17.17 -24.34 -15.75
CA TYR B 17 -16.98 -25.55 -16.55
C TYR B 17 -15.56 -26.10 -16.42
N HIS B 18 -15.02 -26.07 -15.20
CA HIS B 18 -13.69 -26.63 -14.97
C HIS B 18 -13.72 -28.15 -15.13
N SER B 19 -12.64 -28.69 -15.68
CA SER B 19 -12.28 -30.08 -15.49
C SER B 19 -11.28 -30.17 -14.35
N GLU B 20 -11.03 -31.39 -13.87
CA GLU B 20 -9.96 -31.59 -12.91
C GLU B 20 -8.62 -31.13 -13.48
N ASN B 21 -8.38 -31.39 -14.78
CA ASN B 21 -7.14 -30.93 -15.38
C ASN B 21 -7.02 -29.42 -15.33
N ASP B 22 -8.13 -28.70 -15.55
CA ASP B 22 -8.12 -27.24 -15.45
C ASP B 22 -7.70 -26.79 -14.05
N LEU B 23 -8.31 -27.37 -13.01
CA LEU B 23 -7.93 -26.99 -11.66
C LEU B 23 -6.46 -27.34 -11.37
N LYS B 24 -5.98 -28.46 -11.91
CA LYS B 24 -4.58 -28.82 -11.72
C LYS B 24 -3.64 -27.84 -12.42
N ALA B 25 -4.06 -27.30 -13.56
CA ALA B 25 -3.22 -26.32 -14.26
C ALA B 25 -3.02 -25.07 -13.42
N MET B 26 -4.00 -24.72 -12.59
CA MET B 26 -3.92 -23.52 -11.76
C MET B 26 -3.57 -23.83 -10.31
N GLN B 27 -3.34 -25.10 -9.98
CA GLN B 27 -3.15 -25.51 -8.58
C GLN B 27 -1.96 -24.78 -7.96
N GLY B 28 -2.16 -24.28 -6.76
CA GLY B 28 -1.14 -23.53 -6.08
C GLY B 28 -0.97 -22.11 -6.56
N LYS B 29 -1.80 -21.68 -7.52
CA LYS B 29 -1.73 -20.33 -8.07
C LYS B 29 -3.08 -19.63 -8.03
N VAL B 30 -4.17 -20.35 -7.73
CA VAL B 30 -5.51 -19.82 -7.59
C VAL B 30 -6.08 -20.50 -6.35
N LYS B 31 -6.73 -19.72 -5.47
CA LYS B 31 -7.19 -20.22 -4.18
C LYS B 31 -8.66 -20.64 -4.16
N TRP B 32 -9.52 -19.99 -4.95
CA TRP B 32 -10.95 -20.19 -4.83
C TRP B 32 -11.60 -19.95 -6.19
N TRP B 33 -12.86 -20.36 -6.32
CA TRP B 33 -13.62 -19.96 -7.50
C TRP B 33 -15.10 -19.95 -7.18
N TYR B 34 -15.86 -19.31 -8.07
CA TYR B 34 -17.31 -19.37 -8.04
C TYR B 34 -17.79 -19.46 -9.48
N ASN B 35 -19.06 -19.85 -9.64
CA ASN B 35 -19.59 -20.14 -10.96
C ASN B 35 -21.00 -19.57 -11.15
N TRP B 36 -21.39 -18.58 -10.34
CA TRP B 36 -22.72 -17.98 -10.32
C TRP B 36 -23.81 -18.93 -9.87
N ASP B 37 -23.47 -20.16 -9.47
CA ASP B 37 -24.44 -21.22 -9.21
C ASP B 37 -24.30 -21.70 -7.77
N THR B 38 -25.18 -22.64 -7.41
CA THR B 38 -25.35 -23.09 -6.03
C THR B 38 -24.47 -24.27 -5.63
N GLN B 39 -23.68 -24.83 -6.56
CA GLN B 39 -22.82 -25.97 -6.25
C GLN B 39 -21.64 -25.96 -7.21
N ALA B 40 -20.55 -26.61 -6.77
CA ALA B 40 -19.34 -26.65 -7.57
C ALA B 40 -19.58 -27.33 -8.91
N ASP B 41 -18.79 -26.93 -9.91
CA ASP B 41 -18.85 -27.51 -11.25
C ASP B 41 -18.89 -29.03 -11.15
N ALA B 42 -19.74 -29.64 -11.98
CA ALA B 42 -20.04 -31.07 -11.84
C ALA B 42 -18.78 -31.93 -11.85
N ASN B 43 -17.84 -31.63 -12.74
CA ASN B 43 -16.73 -32.56 -12.92
C ASN B 43 -15.63 -32.40 -11.89
N VAL B 44 -15.70 -31.42 -11.00
CA VAL B 44 -14.68 -31.20 -9.98
C VAL B 44 -15.23 -31.24 -8.57
N LYS B 45 -16.52 -31.52 -8.39
CA LYS B 45 -17.12 -31.43 -7.06
C LYS B 45 -16.40 -32.35 -6.08
N GLU B 46 -15.99 -33.54 -6.53
CA GLU B 46 -15.41 -34.53 -5.64
C GLU B 46 -14.00 -34.15 -5.19
N ASN B 47 -13.18 -33.61 -6.09
CA ASN B 47 -11.75 -33.50 -5.85
C ASN B 47 -11.23 -32.06 -5.76
N TYR B 48 -12.08 -31.04 -5.87
CA TYR B 48 -11.54 -29.67 -5.96
C TYR B 48 -10.74 -29.31 -4.71
N ALA B 49 -11.18 -29.76 -3.53
CA ALA B 49 -10.48 -29.34 -2.33
C ALA B 49 -9.09 -29.95 -2.25
N SER B 50 -8.90 -31.12 -2.85
CA SER B 50 -7.57 -31.75 -2.88
C SER B 50 -6.57 -30.93 -3.68
N TYR B 51 -7.03 -30.03 -4.54
CA TYR B 51 -6.14 -29.17 -5.31
C TYR B 51 -5.96 -27.81 -4.65
N GLY B 52 -6.43 -27.64 -3.43
CA GLY B 52 -6.21 -26.42 -2.67
C GLY B 52 -7.32 -25.39 -2.75
N TYR B 53 -8.42 -25.67 -3.44
CA TYR B 53 -9.46 -24.67 -3.67
C TYR B 53 -10.54 -24.75 -2.60
N ASP B 54 -11.13 -23.60 -2.31
CA ASP B 54 -12.48 -23.55 -1.78
C ASP B 54 -13.42 -23.03 -2.86
N PHE B 55 -14.62 -23.59 -2.87
CA PHE B 55 -15.67 -23.15 -3.78
C PHE B 55 -16.62 -22.23 -3.03
N VAL B 56 -17.07 -21.17 -3.71
CA VAL B 56 -18.00 -20.20 -3.12
C VAL B 56 -19.32 -20.26 -3.86
N PRO B 57 -20.37 -20.81 -3.27
CA PRO B 57 -21.68 -20.81 -3.94
C PRO B 57 -22.25 -19.41 -3.98
N MET B 58 -23.20 -19.23 -4.90
CA MET B 58 -23.92 -17.97 -5.06
C MET B 58 -25.42 -18.25 -5.09
N ALA B 59 -26.18 -17.35 -4.49
CA ALA B 59 -27.63 -17.24 -4.72
C ALA B 59 -27.82 -16.11 -5.73
N TRP B 60 -27.99 -16.47 -7.00
CA TRP B 60 -27.93 -15.49 -8.07
C TRP B 60 -29.07 -14.47 -7.96
N ASP B 61 -30.28 -14.96 -7.69
CA ASP B 61 -31.41 -14.10 -7.32
C ASP B 61 -32.21 -14.83 -6.27
N GLU B 62 -33.35 -14.26 -5.87
CA GLU B 62 -34.13 -14.84 -4.79
C GLU B 62 -34.80 -16.14 -5.19
N ASN B 63 -34.79 -16.51 -6.46
CA ASN B 63 -35.36 -17.76 -6.94
C ASN B 63 -34.32 -18.86 -7.07
N PHE B 64 -33.15 -18.70 -6.46
CA PHE B 64 -32.11 -19.71 -6.51
C PHE B 64 -32.62 -21.02 -5.92
N ASN B 65 -32.03 -22.11 -6.39
CA ASN B 65 -32.41 -23.45 -5.93
C ASN B 65 -31.80 -23.68 -4.55
N GLU B 66 -32.58 -23.37 -3.52
CA GLU B 66 -32.11 -23.54 -2.15
C GLU B 66 -31.88 -25.00 -1.81
N GLU B 67 -32.71 -25.92 -2.35
CA GLU B 67 -32.51 -27.34 -2.10
C GLU B 67 -31.14 -27.79 -2.60
N ALA B 68 -30.78 -27.38 -3.82
CA ALA B 68 -29.48 -27.73 -4.37
C ALA B 68 -28.35 -27.13 -3.55
N LEU B 69 -28.50 -25.88 -3.10
CA LEU B 69 -27.46 -25.24 -2.32
C LEU B 69 -27.25 -25.93 -0.98
N ARG B 70 -28.34 -26.19 -0.25
CA ARG B 70 -28.22 -26.86 1.04
C ARG B 70 -27.69 -28.27 0.90
N SER B 71 -28.12 -29.01 -0.13
CA SER B 71 -27.62 -30.37 -0.35
C SER B 71 -26.12 -30.35 -0.64
N PHE B 72 -25.66 -29.36 -1.39
CA PHE B 72 -24.23 -29.23 -1.65
C PHE B 72 -23.48 -28.90 -0.37
N LEU B 73 -23.98 -27.95 0.41
CA LEU B 73 -23.30 -27.58 1.66
C LEU B 73 -23.25 -28.75 2.64
N ASP B 74 -24.29 -29.59 2.64
CA ASP B 74 -24.29 -30.79 3.49
C ASP B 74 -23.06 -31.65 3.23
N ASN B 75 -22.57 -31.67 2.00
CA ASN B 75 -21.43 -32.49 1.63
C ASN B 75 -20.10 -31.74 1.64
N HIS B 76 -20.11 -30.42 1.85
CA HIS B 76 -18.90 -29.60 1.75
C HIS B 76 -18.84 -28.61 2.90
N PRO B 77 -18.58 -29.10 4.11
CA PRO B 77 -18.42 -28.19 5.26
C PRO B 77 -17.20 -27.30 5.16
N ASP B 78 -16.34 -27.52 4.16
CA ASP B 78 -15.20 -26.66 3.90
C ASP B 78 -15.57 -25.39 3.13
N VAL B 79 -16.80 -25.27 2.65
CA VAL B 79 -17.26 -23.99 2.11
C VAL B 79 -17.40 -23.00 3.27
N LYS B 80 -16.89 -21.79 3.08
CA LYS B 80 -16.87 -20.78 4.13
C LYS B 80 -17.65 -19.51 3.80
N TYR B 81 -18.07 -19.32 2.56
CA TYR B 81 -18.68 -18.07 2.12
C TYR B 81 -19.85 -18.37 1.20
N LEU B 82 -20.78 -17.42 1.13
CA LEU B 82 -21.90 -17.47 0.21
C LEU B 82 -22.09 -16.08 -0.40
N LEU B 83 -22.15 -16.04 -1.73
CA LEU B 83 -22.34 -14.79 -2.47
C LEU B 83 -23.82 -14.48 -2.63
N GLY B 84 -24.21 -13.25 -2.32
CA GLY B 84 -25.56 -12.78 -2.53
C GLY B 84 -25.82 -12.40 -3.99
N TRP B 85 -26.97 -11.74 -4.18
CA TRP B 85 -27.57 -11.63 -5.52
C TRP B 85 -26.62 -10.99 -6.52
N ASN B 86 -26.66 -11.47 -7.76
CA ASN B 86 -25.79 -10.98 -8.83
C ASN B 86 -26.43 -9.79 -9.52
N GLN B 87 -25.83 -8.60 -9.36
CA GLN B 87 -26.29 -7.39 -10.04
C GLN B 87 -27.79 -7.15 -9.90
N PRO B 88 -28.30 -7.04 -8.67
CA PRO B 88 -29.72 -6.75 -8.49
C PRO B 88 -30.11 -5.41 -9.07
N ASN B 89 -29.15 -4.49 -9.21
CA ASN B 89 -29.41 -3.19 -9.83
C ASN B 89 -29.44 -3.25 -11.35
N PHE B 90 -29.40 -4.43 -11.95
CA PHE B 90 -29.57 -4.62 -13.39
C PHE B 90 -30.89 -5.34 -13.62
N MET B 91 -31.74 -4.74 -14.46
CA MET B 91 -33.01 -5.38 -14.78
C MET B 91 -32.79 -6.72 -15.47
N GLU B 92 -31.69 -6.88 -16.20
CA GLU B 92 -31.42 -8.12 -16.91
C GLU B 92 -30.65 -9.14 -16.07
N GLN B 93 -30.32 -8.82 -14.83
CA GLN B 93 -29.70 -9.77 -13.90
C GLN B 93 -30.67 -10.03 -12.76
N ALA B 94 -30.27 -9.89 -11.49
CA ALA B 94 -31.16 -10.28 -10.40
C ALA B 94 -32.39 -9.38 -10.29
N ASN B 95 -32.30 -8.12 -10.73
CA ASN B 95 -33.46 -7.26 -10.88
C ASN B 95 -34.27 -7.10 -9.59
N LEU B 96 -33.61 -6.60 -8.55
CA LEU B 96 -34.23 -6.38 -7.25
C LEU B 96 -33.93 -4.97 -6.78
N THR B 97 -34.97 -4.22 -6.41
CA THR B 97 -34.70 -2.92 -5.77
C THR B 97 -33.96 -3.16 -4.46
N PRO B 98 -33.32 -2.12 -3.92
CA PRO B 98 -32.66 -2.29 -2.62
C PRO B 98 -33.56 -2.89 -1.56
N ALA B 99 -34.81 -2.44 -1.50
CA ALA B 99 -35.75 -2.96 -0.51
C ALA B 99 -36.04 -4.44 -0.75
N GLU B 100 -36.24 -4.83 -2.01
CA GLU B 100 -36.49 -6.24 -2.30
C GLU B 100 -35.27 -7.09 -2.00
N ALA B 101 -34.08 -6.60 -2.34
CA ALA B 101 -32.86 -7.34 -2.07
C ALA B 101 -32.71 -7.58 -0.57
N ALA B 102 -33.08 -6.60 0.25
CA ALA B 102 -33.05 -6.75 1.70
C ALA B 102 -34.14 -7.67 2.20
N ALA B 103 -35.35 -7.57 1.62
CA ALA B 103 -36.46 -8.39 2.10
C ALA B 103 -36.19 -9.88 1.94
N HIS B 104 -35.44 -10.28 0.91
CA HIS B 104 -35.12 -11.69 0.71
C HIS B 104 -33.83 -12.12 1.39
N TRP B 105 -33.08 -11.18 1.97
CA TRP B 105 -31.83 -11.51 2.64
C TRP B 105 -31.96 -12.57 3.73
N PRO B 106 -33.03 -12.59 4.55
CA PRO B 106 -33.08 -13.59 5.64
C PRO B 106 -32.95 -15.03 5.17
N VAL B 107 -33.34 -15.33 3.94
CA VAL B 107 -33.14 -16.68 3.43
C VAL B 107 -31.66 -17.03 3.40
N LEU B 108 -30.83 -16.08 2.97
CA LEU B 108 -29.38 -16.32 2.95
C LEU B 108 -28.80 -16.35 4.35
N GLU B 109 -29.33 -15.51 5.25
CA GLU B 109 -28.86 -15.52 6.63
C GLU B 109 -29.10 -16.86 7.30
N ALA B 110 -30.24 -17.50 7.02
CA ALA B 110 -30.53 -18.79 7.63
C ALA B 110 -29.54 -19.84 7.15
N ILE B 111 -29.19 -19.81 5.85
CA ILE B 111 -28.18 -20.72 5.32
C ILE B 111 -26.82 -20.45 5.98
N ALA B 112 -26.46 -19.18 6.09
CA ALA B 112 -25.18 -18.83 6.69
C ALA B 112 -25.10 -19.31 8.13
N GLN B 113 -26.21 -19.18 8.86
CA GLN B 113 -26.25 -19.67 10.24
C GLN B 113 -26.15 -21.18 10.29
N ASP B 114 -26.87 -21.88 9.42
CA ASP B 114 -26.92 -23.33 9.46
C ASP B 114 -25.58 -23.96 9.08
N TYR B 115 -24.77 -23.27 8.28
CA TYR B 115 -23.53 -23.85 7.80
C TYR B 115 -22.29 -23.05 8.19
N ASN B 116 -22.46 -22.07 9.08
CA ASN B 116 -21.37 -21.24 9.59
C ASN B 116 -20.59 -20.58 8.46
N LEU B 117 -21.33 -19.84 7.63
CA LEU B 117 -20.78 -19.13 6.48
C LEU B 117 -20.77 -17.63 6.75
N LYS B 118 -19.89 -16.94 6.03
CA LYS B 118 -19.95 -15.49 5.91
C LYS B 118 -20.61 -15.13 4.59
N LEU B 119 -21.26 -13.96 4.58
CA LEU B 119 -22.06 -13.53 3.45
C LEU B 119 -21.43 -12.35 2.73
N VAL B 120 -21.45 -12.42 1.40
CA VAL B 120 -21.00 -11.34 0.54
C VAL B 120 -22.22 -10.59 0.00
N ALA B 121 -22.17 -9.26 0.09
CA ALA B 121 -23.26 -8.42 -0.36
C ALA B 121 -23.54 -8.63 -1.85
N PRO B 122 -24.73 -8.23 -2.32
CA PRO B 122 -25.04 -8.35 -3.74
C PRO B 122 -24.04 -7.57 -4.58
N ALA B 123 -23.58 -8.18 -5.66
CA ALA B 123 -22.57 -7.53 -6.50
C ALA B 123 -23.20 -6.40 -7.32
N VAL B 124 -22.49 -5.28 -7.38
CA VAL B 124 -22.96 -4.11 -8.12
C VAL B 124 -21.89 -3.56 -9.04
N ASN B 125 -22.37 -2.81 -10.03
CA ASN B 125 -21.58 -2.01 -10.96
C ASN B 125 -22.49 -0.87 -11.36
N TYR B 126 -21.93 0.16 -12.01
CA TYR B 126 -22.77 1.12 -12.70
C TYR B 126 -23.75 0.37 -13.59
N SER B 127 -25.01 0.81 -13.60
CA SER B 127 -26.03 0.05 -14.32
C SER B 127 -26.71 0.93 -15.36
N PRO B 128 -27.53 0.33 -16.24
CA PRO B 128 -28.36 1.15 -17.15
C PRO B 128 -29.41 2.00 -16.44
N GLY B 129 -29.67 1.77 -15.16
CA GLY B 129 -30.58 2.61 -14.42
C GLY B 129 -32.03 2.20 -14.48
N ASN B 130 -32.33 0.95 -14.82
CA ASN B 130 -33.70 0.49 -14.94
C ASN B 130 -34.22 -0.24 -13.70
N VAL B 131 -33.48 -0.22 -12.60
CA VAL B 131 -33.98 -0.64 -11.30
C VAL B 131 -34.00 0.60 -10.41
N ASP B 132 -35.18 0.92 -9.87
CA ASP B 132 -35.33 2.18 -9.16
C ASP B 132 -34.67 2.14 -7.80
N ILE B 133 -33.90 3.17 -7.49
CA ILE B 133 -33.44 3.46 -6.14
C ILE B 133 -34.29 4.61 -5.61
N PRO B 134 -35.07 4.42 -4.54
CA PRO B 134 -35.82 5.54 -3.99
C PRO B 134 -34.92 6.67 -3.53
N GLY B 135 -35.41 7.90 -3.71
CA GLY B 135 -34.72 9.08 -3.22
C GLY B 135 -33.70 9.66 -4.16
N THR B 136 -33.55 9.13 -5.36
CA THR B 136 -32.57 9.65 -6.30
C THR B 136 -33.04 9.41 -7.73
N ASP B 137 -32.63 10.30 -8.62
CA ASP B 137 -32.76 10.06 -10.05
C ASP B 137 -31.59 9.26 -10.60
N ASP B 138 -30.53 9.10 -9.81
CA ASP B 138 -29.29 8.45 -10.26
C ASP B 138 -29.35 6.94 -10.00
N ASP B 139 -30.34 6.29 -10.64
CA ASP B 139 -30.55 4.87 -10.41
C ASP B 139 -29.40 4.01 -10.91
N TYR B 140 -28.53 4.57 -11.76
CA TYR B 140 -27.36 3.87 -12.28
C TYR B 140 -26.24 3.73 -11.26
N ASP B 141 -26.33 4.40 -10.12
CA ASP B 141 -25.19 4.60 -9.24
C ASP B 141 -25.06 3.42 -8.28
N PRO B 142 -23.91 2.74 -8.24
CA PRO B 142 -23.82 1.52 -7.42
C PRO B 142 -23.71 1.80 -5.94
N TRP B 143 -23.13 2.95 -5.55
CA TRP B 143 -23.04 3.30 -4.13
C TRP B 143 -24.40 3.71 -3.58
N LEU B 144 -25.19 4.44 -4.39
CA LEU B 144 -26.55 4.75 -3.95
C LEU B 144 -27.36 3.48 -3.77
N TYR B 145 -27.14 2.47 -4.63
CA TYR B 145 -27.83 1.20 -4.47
C TYR B 145 -27.43 0.54 -3.16
N LEU B 146 -26.13 0.39 -2.92
CA LEU B 146 -25.70 -0.26 -1.69
C LEU B 146 -26.15 0.50 -0.45
N ASP B 147 -26.08 1.84 -0.49
CA ASP B 147 -26.54 2.64 0.64
C ASP B 147 -27.96 2.27 1.00
N ALA B 148 -28.82 2.21 -0.01
CA ALA B 148 -30.22 1.90 0.20
C ALA B 148 -30.42 0.47 0.65
N PHE B 149 -29.61 -0.45 0.12
CA PHE B 149 -29.67 -1.85 0.53
C PHE B 149 -29.36 -1.99 2.01
N PHE B 150 -28.25 -1.37 2.44
CA PHE B 150 -27.88 -1.48 3.85
C PHE B 150 -28.91 -0.82 4.76
N GLU B 151 -29.48 0.29 4.32
CA GLU B 151 -30.50 0.95 5.14
C GLU B 151 -31.73 0.07 5.29
N ALA B 152 -32.12 -0.63 4.23
CA ALA B 152 -33.26 -1.53 4.34
C ALA B 152 -32.91 -2.79 5.10
N CYS B 153 -31.66 -3.22 5.04
CA CYS B 153 -31.20 -4.47 5.66
C CYS B 153 -30.66 -4.19 7.06
N GLU B 154 -31.51 -3.59 7.88
CA GLU B 154 -31.10 -3.21 9.22
C GLU B 154 -30.82 -4.47 10.04
N GLY B 155 -29.63 -4.52 10.63
CA GLY B 155 -29.22 -5.68 11.40
C GLY B 155 -28.83 -6.90 10.60
N CYS B 156 -28.82 -6.82 9.27
CA CYS B 156 -28.48 -7.98 8.45
C CYS B 156 -27.02 -8.38 8.60
N GLN B 157 -26.77 -9.68 8.49
CA GLN B 157 -25.40 -10.18 8.40
C GLN B 157 -24.89 -9.93 6.98
N VAL B 158 -23.91 -9.05 6.85
CA VAL B 158 -23.23 -8.79 5.58
C VAL B 158 -21.76 -8.62 5.93
N ASP B 159 -20.93 -9.59 5.56
CA ASP B 159 -19.52 -9.60 5.96
C ASP B 159 -18.60 -8.95 4.94
N TYR B 160 -18.99 -8.90 3.67
CA TYR B 160 -18.10 -8.47 2.60
C TYR B 160 -18.90 -7.70 1.55
N ILE B 161 -18.19 -6.91 0.76
CA ILE B 161 -18.76 -6.18 -0.38
C ILE B 161 -18.32 -6.87 -1.65
N ALA B 162 -19.23 -7.02 -2.63
CA ALA B 162 -18.88 -7.53 -3.96
C ALA B 162 -18.96 -6.43 -5.02
N VAL B 163 -17.94 -6.36 -5.88
CA VAL B 163 -17.81 -5.32 -6.89
C VAL B 163 -17.57 -5.95 -8.26
N HIS B 164 -18.21 -5.41 -9.28
CA HIS B 164 -17.88 -5.70 -10.67
C HIS B 164 -17.34 -4.44 -11.33
N CYS B 165 -16.37 -4.59 -12.23
CA CYS B 165 -15.85 -3.42 -12.93
C CYS B 165 -15.40 -3.84 -14.33
N TYR B 166 -15.79 -3.05 -15.34
CA TYR B 166 -15.38 -3.31 -16.71
C TYR B 166 -14.64 -2.14 -17.33
N MET B 167 -14.15 -1.23 -16.50
CA MET B 167 -13.29 -0.15 -16.97
C MET B 167 -11.98 -0.73 -17.53
N LYS B 168 -11.37 -0.01 -18.46
CA LYS B 168 -10.15 -0.48 -19.11
C LYS B 168 -8.92 0.29 -18.71
N TYR B 169 -9.04 1.28 -17.82
CA TYR B 169 -7.89 2.05 -17.35
C TYR B 169 -7.60 1.67 -15.90
N GLU B 170 -6.36 1.30 -15.64
CA GLU B 170 -6.03 0.80 -14.31
C GLU B 170 -6.24 1.87 -13.24
N SER B 171 -6.02 3.15 -13.56
CA SER B 171 -6.23 4.21 -12.57
C SER B 171 -7.72 4.41 -12.29
N ALA B 172 -8.57 4.19 -13.29
CA ALA B 172 -10.02 4.26 -13.06
C ALA B 172 -10.48 3.09 -12.20
N PHE B 173 -9.96 1.90 -12.48
CA PHE B 173 -10.28 0.71 -11.70
C PHE B 173 -9.93 0.92 -10.23
N SER B 174 -8.72 1.40 -9.95
CA SER B 174 -8.31 1.55 -8.56
C SER B 174 -9.13 2.62 -7.85
N TRP B 175 -9.46 3.71 -8.55
CA TRP B 175 -10.35 4.70 -7.96
C TRP B 175 -11.70 4.09 -7.65
N TYR B 176 -12.29 3.41 -8.63
CA TYR B 176 -13.64 2.86 -8.51
C TYR B 176 -13.74 1.83 -7.39
N VAL B 177 -12.85 0.84 -7.40
CA VAL B 177 -12.88 -0.17 -6.35
C VAL B 177 -12.64 0.46 -4.98
N GLY B 178 -11.69 1.41 -4.92
CA GLY B 178 -11.40 2.09 -3.68
C GLY B 178 -12.60 2.81 -3.07
N GLU B 179 -13.53 3.27 -3.91
CA GLU B 179 -14.73 3.94 -3.39
C GLU B 179 -15.57 3.01 -2.53
N PHE B 180 -15.49 1.71 -2.76
CA PHE B 180 -16.29 0.78 -1.97
C PHE B 180 -15.70 0.48 -0.61
N GLU B 181 -14.47 0.96 -0.33
CA GLU B 181 -13.89 0.76 0.98
C GLU B 181 -14.64 1.53 2.07
N ARG B 182 -15.50 2.47 1.66
CA ARG B 182 -16.22 3.28 2.63
C ARG B 182 -17.10 2.45 3.55
N TYR B 183 -17.52 1.26 3.11
CA TYR B 183 -18.47 0.46 3.88
C TYR B 183 -17.83 -0.31 5.01
N ASN B 184 -16.50 -0.24 5.15
CA ASN B 184 -15.78 -0.88 6.26
C ASN B 184 -15.93 -2.39 6.25
N LYS B 185 -15.98 -2.98 5.06
CA LYS B 185 -16.00 -4.43 4.90
C LYS B 185 -14.99 -4.81 3.84
N PRO B 186 -14.28 -5.93 4.01
CA PRO B 186 -13.33 -6.33 2.96
C PRO B 186 -14.06 -6.59 1.65
N ILE B 187 -13.39 -6.28 0.55
CA ILE B 187 -13.99 -6.27 -0.78
C ILE B 187 -13.61 -7.52 -1.55
N TRP B 188 -14.58 -8.08 -2.26
CA TRP B 188 -14.35 -9.10 -3.27
C TRP B 188 -14.67 -8.47 -4.62
N VAL B 189 -13.69 -8.41 -5.51
CA VAL B 189 -13.92 -8.00 -6.89
C VAL B 189 -14.25 -9.28 -7.65
N THR B 190 -15.53 -9.57 -7.80
CA THR B 190 -15.97 -10.88 -8.29
C THR B 190 -16.09 -10.96 -9.80
N GLU B 191 -16.07 -9.84 -10.51
CA GLU B 191 -15.90 -9.86 -11.95
C GLU B 191 -15.14 -8.60 -12.34
N TRP B 192 -14.08 -8.77 -13.13
CA TRP B 192 -13.53 -7.60 -13.80
C TRP B 192 -12.74 -8.05 -15.02
N ALA B 193 -12.67 -7.14 -15.99
CA ALA B 193 -11.86 -7.22 -17.20
C ALA B 193 -11.96 -5.87 -17.89
N GLY B 194 -10.94 -5.51 -18.65
CA GLY B 194 -11.03 -4.29 -19.46
C GLY B 194 -12.01 -4.51 -20.61
N TRP B 195 -13.03 -3.66 -20.71
CA TRP B 195 -14.03 -3.92 -21.74
C TRP B 195 -14.74 -2.65 -22.22
N ASP B 196 -15.10 -1.78 -21.28
CA ASP B 196 -15.86 -0.58 -21.62
C ASP B 196 -14.97 0.42 -22.37
N ASP B 197 -15.63 1.41 -22.97
CA ASP B 197 -14.93 2.51 -23.64
C ASP B 197 -14.02 2.02 -24.75
N GLY B 198 -14.49 1.02 -25.50
CA GLY B 198 -13.72 0.43 -26.58
C GLY B 198 -12.88 -0.76 -26.19
N GLY B 199 -12.60 -0.93 -24.91
CA GLY B 199 -11.85 -2.08 -24.46
C GLY B 199 -10.42 -2.13 -24.95
N PRO B 200 -9.77 -3.28 -24.79
CA PRO B 200 -8.37 -3.40 -25.20
C PRO B 200 -8.23 -3.41 -26.71
N ALA B 201 -7.16 -2.76 -27.19
CA ALA B 201 -6.87 -2.78 -28.63
C ALA B 201 -6.26 -4.09 -29.08
N ASN B 202 -5.72 -4.88 -28.15
CA ASN B 202 -5.09 -6.15 -28.47
C ASN B 202 -4.95 -6.94 -27.18
N MET B 203 -4.55 -8.20 -27.33
CA MET B 203 -4.39 -9.09 -26.18
C MET B 203 -3.38 -8.52 -25.19
N GLY B 204 -2.29 -7.94 -25.70
CA GLY B 204 -1.28 -7.38 -24.80
C GLY B 204 -1.83 -6.30 -23.89
N GLU B 205 -2.71 -5.45 -24.41
CA GLU B 205 -3.33 -4.43 -23.56
C GLU B 205 -4.13 -5.04 -22.44
N GLN B 206 -4.88 -6.11 -22.71
CA GLN B 206 -5.63 -6.78 -21.65
C GLN B 206 -4.67 -7.39 -20.63
N MET B 207 -3.57 -8.00 -21.10
CA MET B 207 -2.60 -8.57 -20.17
C MET B 207 -1.97 -7.50 -19.29
N ASN B 208 -1.65 -6.34 -19.86
CA ASN B 208 -1.06 -5.26 -19.06
C ASN B 208 -2.06 -4.73 -18.03
N PHE B 209 -3.32 -4.57 -18.43
CA PHE B 209 -4.35 -4.11 -17.52
C PHE B 209 -4.53 -5.11 -16.39
N LEU B 210 -4.61 -6.40 -16.72
CA LEU B 210 -4.72 -7.43 -15.70
C LEU B 210 -3.56 -7.36 -14.72
N SER B 211 -2.33 -7.23 -15.24
CA SER B 211 -1.17 -7.16 -14.35
C SER B 211 -1.25 -5.95 -13.43
N ASP B 212 -1.53 -4.78 -13.98
CA ASP B 212 -1.60 -3.57 -13.15
C ASP B 212 -2.64 -3.71 -12.06
N THR B 213 -3.81 -4.25 -12.39
CA THR B 213 -4.90 -4.29 -11.43
C THR B 213 -4.74 -5.43 -10.41
N VAL B 214 -4.26 -6.60 -10.84
CA VAL B 214 -3.92 -7.66 -9.90
C VAL B 214 -2.91 -7.15 -8.89
N ARG B 215 -1.88 -6.46 -9.38
CA ARG B 215 -0.81 -6.02 -8.49
C ARG B 215 -1.32 -4.99 -7.49
N TRP B 216 -2.20 -4.08 -7.94
CA TRP B 216 -2.80 -3.12 -7.02
C TRP B 216 -3.65 -3.85 -5.97
N MET B 217 -4.43 -4.86 -6.38
CA MET B 217 -5.27 -5.56 -5.41
C MET B 217 -4.46 -6.39 -4.43
N GLU B 218 -3.37 -7.02 -4.88
CA GLU B 218 -2.54 -7.76 -3.93
C GLU B 218 -1.99 -6.85 -2.84
N SER B 219 -1.67 -5.60 -3.19
CA SER B 219 -1.07 -4.67 -2.23
C SER B 219 -2.11 -3.91 -1.40
N ASN B 220 -3.40 -4.04 -1.71
CA ASN B 220 -4.44 -3.30 -1.01
C ASN B 220 -5.06 -4.23 0.04
N ASP B 221 -4.79 -3.95 1.32
CA ASP B 221 -5.26 -4.82 2.39
C ASP B 221 -6.78 -4.89 2.47
N ASN B 222 -7.48 -3.90 1.91
CA ASN B 222 -8.94 -3.90 1.94
C ASN B 222 -9.55 -4.79 0.86
N ILE B 223 -8.76 -5.36 -0.03
CA ILE B 223 -9.25 -6.35 -0.99
C ILE B 223 -9.03 -7.72 -0.38
N TYR B 224 -10.12 -8.47 -0.20
CA TYR B 224 -10.07 -9.81 0.35
C TYR B 224 -9.84 -10.83 -0.76
N ARG B 225 -10.56 -10.69 -1.86
CA ARG B 225 -10.53 -11.68 -2.94
C ARG B 225 -10.80 -10.98 -4.26
N TYR B 226 -10.32 -11.58 -5.36
CA TYR B 226 -10.68 -11.09 -6.68
C TYR B 226 -10.77 -12.29 -7.62
N SER B 227 -11.60 -12.15 -8.66
CA SER B 227 -11.75 -13.21 -9.65
C SER B 227 -11.97 -12.59 -11.02
N TRP B 228 -11.06 -12.88 -11.94
CA TRP B 228 -11.14 -12.38 -13.30
C TRP B 228 -12.33 -12.97 -14.03
N PHE B 229 -12.94 -12.14 -14.88
CA PHE B 229 -14.01 -12.57 -15.80
C PHE B 229 -13.36 -12.83 -17.15
N LEU B 230 -13.20 -14.10 -17.55
CA LEU B 230 -13.70 -15.30 -16.88
C LEU B 230 -12.87 -16.50 -17.41
N GLY B 231 -13.14 -17.70 -16.91
CA GLY B 231 -12.30 -18.85 -17.24
C GLY B 231 -12.15 -19.10 -18.72
N ARG B 232 -13.27 -19.26 -19.42
CA ARG B 232 -13.31 -19.35 -20.88
C ARG B 232 -14.51 -18.57 -21.36
N SER B 233 -14.41 -18.00 -22.56
CA SER B 233 -15.45 -17.17 -23.12
C SER B 233 -15.91 -17.75 -24.46
N SER B 234 -17.12 -17.35 -24.87
N SER B 234 -17.11 -17.34 -24.87
CA SER B 234 -17.59 -17.74 -26.19
CA SER B 234 -17.57 -17.74 -26.20
C SER B 234 -16.77 -17.05 -27.29
C SER B 234 -16.79 -17.04 -27.30
N GLU B 235 -16.34 -15.81 -27.04
CA GLU B 235 -15.55 -15.08 -28.03
C GLU B 235 -14.23 -15.79 -28.32
N GLY B 236 -13.61 -16.36 -27.30
CA GLY B 236 -12.33 -17.01 -27.46
C GLY B 236 -11.18 -16.09 -27.06
N TYR B 237 -10.06 -16.72 -26.71
CA TYR B 237 -8.98 -16.01 -26.02
C TYR B 237 -8.30 -14.99 -26.92
N ASP B 238 -8.27 -15.23 -28.23
CA ASP B 238 -7.57 -14.34 -29.15
C ASP B 238 -8.51 -13.44 -29.92
N GLN B 239 -9.77 -13.35 -29.49
CA GLN B 239 -10.74 -12.41 -30.04
C GLN B 239 -11.13 -11.42 -28.96
N PHE B 240 -11.43 -10.20 -29.36
CA PHE B 240 -11.81 -9.15 -28.42
C PHE B 240 -12.94 -9.64 -27.52
N PRO B 241 -12.89 -9.36 -26.21
CA PRO B 241 -11.88 -8.58 -25.49
C PRO B 241 -10.81 -9.44 -24.79
N TYR B 242 -10.52 -10.63 -25.32
CA TYR B 242 -9.34 -11.42 -24.90
C TYR B 242 -9.44 -11.86 -23.44
N LEU B 243 -10.57 -12.46 -23.08
CA LEU B 243 -10.90 -12.69 -21.67
C LEU B 243 -10.30 -13.95 -21.09
N ASP B 244 -10.13 -15.00 -21.88
CA ASP B 244 -10.00 -16.34 -21.32
C ASP B 244 -8.71 -16.52 -20.53
N VAL B 245 -8.83 -17.23 -19.40
CA VAL B 245 -7.68 -17.67 -18.60
C VAL B 245 -7.22 -19.07 -18.99
N LEU B 246 -8.16 -19.95 -19.33
CA LEU B 246 -7.89 -21.33 -19.68
C LEU B 246 -8.04 -21.48 -21.20
N LEU B 247 -7.21 -22.34 -21.78
CA LEU B 247 -7.27 -22.58 -23.21
C LEU B 247 -7.71 -24.02 -23.48
N ALA B 248 -6.82 -24.87 -23.98
CA ALA B 248 -7.17 -26.28 -24.09
C ALA B 248 -7.35 -26.86 -22.69
N ASP B 249 -7.97 -28.04 -22.63
CA ASP B 249 -8.17 -28.70 -21.35
C ASP B 249 -6.85 -28.78 -20.58
N GLY B 250 -6.86 -28.29 -19.33
CA GLY B 250 -5.68 -28.35 -18.50
C GLY B 250 -4.55 -27.43 -18.90
N GLU B 251 -4.82 -26.40 -19.71
CA GLU B 251 -3.78 -25.49 -20.18
C GLU B 251 -4.28 -24.06 -20.06
N LEU B 252 -3.33 -23.13 -19.98
CA LEU B 252 -3.62 -21.72 -19.80
C LEU B 252 -3.41 -20.94 -21.10
N THR B 253 -4.10 -19.82 -21.21
CA THR B 253 -3.81 -18.84 -22.26
C THR B 253 -2.61 -18.00 -21.84
N PRO B 254 -2.05 -17.21 -22.76
CA PRO B 254 -1.04 -16.23 -22.35
C PRO B 254 -1.51 -15.36 -21.19
N LEU B 255 -2.74 -14.85 -21.28
CA LEU B 255 -3.28 -14.02 -20.20
C LEU B 255 -3.41 -14.82 -18.91
N GLY B 256 -3.85 -16.07 -19.02
CA GLY B 256 -3.94 -16.92 -17.85
C GLY B 256 -2.58 -17.18 -17.20
N SER B 257 -1.53 -17.27 -18.01
CA SER B 257 -0.19 -17.43 -17.46
C SER B 257 0.20 -16.21 -16.64
N VAL B 258 -0.09 -15.01 -17.14
CA VAL B 258 0.16 -13.80 -16.35
C VAL B 258 -0.65 -13.84 -15.05
N TYR B 259 -1.96 -14.11 -15.18
CA TYR B 259 -2.86 -14.06 -14.03
C TYR B 259 -2.42 -14.99 -12.93
N THR B 260 -2.05 -16.22 -13.29
CA THR B 260 -1.69 -17.22 -12.30
C THR B 260 -0.27 -17.06 -11.78
N SER B 261 0.61 -16.39 -12.51
CA SER B 261 2.01 -16.25 -12.09
C SER B 261 2.26 -15.12 -11.12
N ILE B 262 1.46 -14.05 -11.13
CA ILE B 262 1.76 -12.87 -10.33
C ILE B 262 1.70 -13.21 -8.84
N PRO B 263 2.76 -12.98 -8.09
CA PRO B 263 2.77 -13.36 -6.67
C PRO B 263 2.10 -12.34 -5.78
N SER B 264 1.63 -12.83 -4.62
CA SER B 264 1.21 -11.95 -3.54
C SER B 264 2.43 -11.21 -2.97
N ASN B 265 2.14 -10.24 -2.09
CA ASN B 265 3.22 -9.47 -1.48
C ASN B 265 4.16 -10.38 -0.70
N ASP B 266 3.61 -11.39 -0.02
CA ASP B 266 4.37 -12.19 0.94
C ASP B 266 4.95 -13.48 0.36
N PHE B 267 4.44 -13.95 -0.78
CA PHE B 267 4.99 -15.13 -1.41
C PHE B 267 6.47 -14.94 -1.71
N ARG B 268 7.25 -16.02 -1.57
CA ARG B 268 8.65 -16.00 -1.96
C ARG B 268 8.97 -17.24 -2.78
N TYR B 269 9.70 -17.06 -3.88
CA TYR B 269 10.10 -18.18 -4.73
C TYR B 269 11.20 -19.00 -4.06
N LYS B 270 11.05 -20.32 -4.13
CA LYS B 270 12.11 -21.25 -3.76
C LYS B 270 12.89 -21.67 -5.00
N ILE B 271 14.15 -22.04 -4.79
CA ILE B 271 15.05 -22.40 -5.88
C ILE B 271 15.88 -23.60 -5.47
N PRO B 272 16.45 -24.35 -6.44
CA PRO B 272 16.39 -24.23 -7.91
C PRO B 272 14.99 -24.27 -8.47
N ALA B 273 14.75 -23.48 -9.52
CA ALA B 273 13.43 -23.43 -10.12
C ALA B 273 13.51 -22.67 -11.43
N ARG B 274 12.57 -22.97 -12.32
N ARG B 274 12.54 -22.95 -12.30
CA ARG B 274 12.21 -22.06 -13.38
CA ARG B 274 12.22 -22.06 -13.42
C ARG B 274 11.12 -21.14 -12.87
C ARG B 274 11.08 -21.15 -12.99
N ILE B 275 11.27 -19.85 -13.17
CA ILE B 275 10.30 -18.83 -12.78
C ILE B 275 9.89 -18.09 -14.04
N GLU B 276 8.58 -18.00 -14.30
CA GLU B 276 8.11 -17.28 -15.47
C GLU B 276 8.43 -15.79 -15.33
N ALA B 277 8.82 -15.16 -16.44
CA ALA B 277 9.14 -13.75 -16.37
C ALA B 277 7.95 -12.93 -15.87
N GLU B 278 6.75 -13.35 -16.25
CA GLU B 278 5.52 -12.68 -15.83
C GLU B 278 5.15 -12.93 -14.37
N GLY B 279 5.99 -13.66 -13.63
CA GLY B 279 5.79 -13.85 -12.20
C GLY B 279 6.60 -12.91 -11.31
N ALA B 280 7.02 -11.76 -11.82
CA ALA B 280 7.81 -10.84 -11.02
C ALA B 280 6.98 -10.28 -9.87
N HIS B 281 7.66 -10.05 -8.73
CA HIS B 281 7.04 -9.33 -7.61
C HIS B 281 6.81 -7.86 -7.93
N SER B 282 7.64 -7.27 -8.80
N SER B 282 7.63 -7.26 -8.79
CA SER B 282 7.56 -5.86 -9.15
CA SER B 282 7.40 -5.88 -9.16
C SER B 282 7.92 -5.72 -10.62
C SER B 282 7.95 -5.64 -10.56
N LEU B 283 7.23 -4.82 -11.32
CA LEU B 283 7.56 -4.48 -12.70
C LEU B 283 7.56 -2.97 -12.79
N THR B 284 8.60 -2.43 -13.42
CA THR B 284 8.63 -1.03 -13.81
C THR B 284 8.77 -1.01 -15.33
N GLY B 285 7.77 -0.44 -16.00
CA GLY B 285 7.84 -0.29 -17.44
C GLY B 285 7.52 -1.52 -18.27
N PHE B 286 7.90 -2.72 -17.79
CA PHE B 286 7.71 -3.91 -18.60
C PHE B 286 6.25 -4.11 -18.99
N LYS B 287 6.03 -4.50 -20.24
CA LYS B 287 4.71 -4.83 -20.76
C LYS B 287 4.70 -6.30 -21.17
N HIS B 288 3.53 -6.79 -21.55
CA HIS B 288 3.29 -8.21 -21.77
C HIS B 288 2.79 -8.47 -23.19
N LEU B 289 3.22 -9.60 -23.75
CA LEU B 289 2.69 -10.08 -25.02
C LEU B 289 2.66 -11.60 -24.98
N ALA B 290 1.87 -12.19 -25.86
CA ALA B 290 1.97 -13.62 -26.09
C ALA B 290 3.30 -13.93 -26.76
N THR B 291 3.73 -15.18 -26.63
CA THR B 291 4.95 -15.62 -27.30
C THR B 291 4.68 -16.88 -28.10
N THR B 292 5.45 -17.05 -29.17
CA THR B 292 5.44 -18.28 -29.95
C THR B 292 6.58 -19.23 -29.57
N ASP B 293 7.32 -18.92 -28.51
CA ASP B 293 8.33 -19.85 -28.02
C ASP B 293 7.69 -21.18 -27.64
N THR B 294 8.47 -22.25 -27.75
CA THR B 294 7.92 -23.60 -27.61
C THR B 294 7.42 -23.87 -26.20
N THR B 295 8.11 -23.38 -25.18
CA THR B 295 7.57 -23.44 -23.84
C THR B 295 7.28 -22.03 -23.35
N GLY B 296 6.46 -21.94 -22.32
CA GLY B 296 5.97 -20.66 -21.88
C GLY B 296 4.88 -20.15 -22.81
N LEU B 297 4.18 -19.16 -22.31
CA LEU B 297 2.96 -18.67 -22.91
C LEU B 297 2.95 -17.15 -23.07
N ALA B 298 3.56 -16.43 -22.14
CA ALA B 298 3.63 -14.98 -22.21
C ALA B 298 5.07 -14.54 -22.04
N LYS B 299 5.37 -13.35 -22.56
CA LYS B 299 6.69 -12.77 -22.41
C LYS B 299 6.55 -11.34 -21.89
N LEU B 300 7.56 -10.91 -21.15
CA LEU B 300 7.77 -9.49 -20.92
C LEU B 300 8.53 -8.90 -22.10
N ILE B 301 8.22 -7.66 -22.42
CA ILE B 301 8.85 -6.96 -23.55
C ILE B 301 9.46 -5.67 -23.01
N ALA B 302 10.72 -5.43 -23.39
CA ALA B 302 11.44 -4.21 -23.04
C ALA B 302 11.56 -3.32 -24.27
N ALA B 303 11.33 -2.02 -24.06
CA ALA B 303 11.56 -1.00 -25.06
C ALA B 303 12.66 -0.03 -24.66
N SER B 304 13.15 -0.08 -23.41
CA SER B 304 14.07 0.92 -22.89
C SER B 304 14.84 0.40 -21.67
N ASN B 305 14.42 0.81 -20.47
CA ASN B 305 15.16 0.57 -19.24
C ASN B 305 14.29 -0.10 -18.18
N GLU B 306 13.43 -1.01 -18.61
CA GLU B 306 12.47 -1.65 -17.71
C GLU B 306 13.16 -2.55 -16.69
N VAL B 307 12.50 -2.74 -15.55
CA VAL B 307 13.02 -3.51 -14.42
C VAL B 307 11.98 -4.51 -13.93
N ALA B 308 12.42 -5.74 -13.67
CA ALA B 308 11.61 -6.76 -13.02
C ALA B 308 12.35 -7.29 -11.80
N GLU B 309 11.63 -7.46 -10.68
CA GLU B 309 12.23 -7.98 -9.46
C GLU B 309 11.49 -9.23 -9.01
N TYR B 310 12.25 -10.22 -8.56
CA TYR B 310 11.76 -11.53 -8.11
C TYR B 310 12.26 -11.74 -6.69
N LYS B 311 11.36 -11.96 -5.74
CA LYS B 311 11.72 -12.11 -4.34
C LYS B 311 11.88 -13.60 -4.02
N LEU B 312 13.04 -13.96 -3.51
CA LEU B 312 13.46 -15.34 -3.34
C LEU B 312 13.62 -15.68 -1.86
N ASN B 313 13.21 -16.90 -1.51
CA ASN B 313 13.52 -17.54 -0.23
C ASN B 313 14.54 -18.62 -0.55
N VAL B 314 15.81 -18.31 -0.32
CA VAL B 314 16.90 -19.23 -0.64
C VAL B 314 17.14 -20.13 0.56
N GLU B 315 16.77 -21.39 0.43
CA GLU B 315 16.89 -22.33 1.55
C GLU B 315 18.29 -22.92 1.65
N GLU B 316 18.99 -23.08 0.54
CA GLU B 316 20.33 -23.63 0.52
C GLU B 316 21.27 -22.60 -0.11
N GLY B 317 22.12 -21.99 0.72
CA GLY B 317 23.07 -21.04 0.20
C GLY B 317 24.06 -21.69 -0.75
N GLY B 318 24.52 -20.93 -1.72
CA GLY B 318 25.55 -21.42 -2.61
C GLY B 318 25.56 -20.65 -3.92
N ASP B 319 26.31 -21.19 -4.87
CA ASP B 319 26.45 -20.58 -6.19
C ASP B 319 25.37 -21.13 -7.11
N TYR B 320 24.60 -20.22 -7.72
CA TYR B 320 23.54 -20.58 -8.65
C TYR B 320 23.83 -19.97 -10.00
N THR B 321 23.57 -20.73 -11.05
CA THR B 321 23.66 -20.21 -12.40
C THR B 321 22.28 -19.69 -12.80
N LEU B 322 22.25 -18.49 -13.37
CA LEU B 322 21.01 -17.88 -13.82
C LEU B 322 20.93 -18.02 -15.34
N ALA B 323 19.86 -18.64 -15.81
CA ALA B 323 19.59 -18.72 -17.24
C ALA B 323 18.38 -17.83 -17.57
N LEU B 324 18.48 -17.07 -18.65
CA LEU B 324 17.36 -16.29 -19.16
C LEU B 324 16.99 -16.76 -20.55
N ARG B 325 15.69 -16.88 -20.80
CA ARG B 325 15.15 -17.22 -22.10
C ARG B 325 14.75 -15.92 -22.79
N LEU B 326 15.48 -15.57 -23.86
CA LEU B 326 15.43 -14.23 -24.43
C LEU B 326 15.33 -14.27 -25.95
N ALA B 327 14.80 -13.18 -26.51
CA ALA B 327 14.76 -12.96 -27.95
C ALA B 327 15.10 -11.50 -28.19
N SER B 328 15.97 -11.22 -29.17
CA SER B 328 16.37 -9.85 -29.40
C SER B 328 16.83 -9.66 -30.84
N SER B 329 16.29 -8.63 -31.52
CA SER B 329 16.68 -8.34 -32.89
C SER B 329 17.97 -7.53 -32.99
N ALA B 330 18.41 -6.89 -31.91
CA ALA B 330 19.63 -6.09 -31.88
C ALA B 330 20.34 -6.40 -30.58
N ASN B 331 21.60 -5.99 -30.47
CA ASN B 331 22.36 -6.26 -29.25
C ASN B 331 21.64 -5.67 -28.03
N SER B 332 21.47 -6.49 -27.00
CA SER B 332 20.81 -6.08 -25.76
C SER B 332 21.70 -6.39 -24.57
N ASP B 333 21.71 -5.48 -23.60
CA ASP B 333 22.36 -5.70 -22.31
C ASP B 333 21.31 -5.80 -21.23
N ILE B 334 21.47 -6.78 -20.35
CA ILE B 334 20.56 -7.00 -19.24
C ILE B 334 21.39 -7.14 -17.96
N ALA B 335 21.22 -6.21 -17.03
CA ALA B 335 21.96 -6.22 -15.78
C ALA B 335 21.21 -7.02 -14.73
N ILE B 336 21.95 -7.77 -13.92
CA ILE B 336 21.40 -8.62 -12.87
C ILE B 336 21.92 -8.10 -11.54
N ARG B 337 21.02 -7.79 -10.63
CA ARG B 337 21.39 -7.40 -9.29
C ARG B 337 20.79 -8.34 -8.26
N VAL B 338 21.50 -8.48 -7.15
CA VAL B 338 21.03 -9.21 -5.98
C VAL B 338 21.06 -8.23 -4.83
N ASP B 339 19.91 -8.00 -4.22
CA ASP B 339 19.76 -7.01 -3.15
C ASP B 339 20.35 -5.67 -3.55
N GLY B 340 20.15 -5.31 -4.81
CA GLY B 340 20.50 -4.01 -5.32
C GLY B 340 21.89 -3.87 -5.87
N LEU B 341 22.74 -4.89 -5.74
CA LEU B 341 24.13 -4.82 -6.18
C LEU B 341 24.35 -5.64 -7.45
N LEU B 342 25.14 -5.08 -8.37
CA LEU B 342 25.37 -5.72 -9.66
C LEU B 342 26.21 -6.98 -9.50
N VAL B 343 25.69 -8.11 -9.98
CA VAL B 343 26.42 -9.38 -9.92
C VAL B 343 26.78 -9.92 -11.29
N TYR B 344 26.10 -9.49 -12.36
CA TYR B 344 26.33 -10.07 -13.68
C TYR B 344 25.61 -9.20 -14.70
N THR B 345 26.15 -9.13 -15.90
CA THR B 345 25.48 -8.48 -17.01
C THR B 345 25.51 -9.41 -18.21
N PHE B 346 24.33 -9.71 -18.75
CA PHE B 346 24.25 -10.35 -20.07
C PHE B 346 24.53 -9.28 -21.11
N GLU B 347 25.60 -9.45 -21.87
N GLU B 347 25.59 -9.47 -21.89
CA GLU B 347 26.09 -8.42 -22.79
CA GLU B 347 26.07 -8.46 -22.80
C GLU B 347 25.87 -8.84 -24.24
C GLU B 347 25.82 -8.86 -24.25
N ASP B 348 25.33 -7.92 -25.05
CA ASP B 348 25.17 -8.10 -26.50
C ASP B 348 24.36 -9.35 -26.85
N ILE B 349 23.27 -9.57 -26.10
CA ILE B 349 22.33 -10.63 -26.45
C ILE B 349 21.69 -10.29 -27.79
N ASN B 350 21.73 -11.23 -28.72
CA ASN B 350 21.24 -10.97 -30.07
C ASN B 350 20.89 -12.31 -30.68
N THR B 351 19.60 -12.59 -30.82
CA THR B 351 19.13 -13.85 -31.38
C THR B 351 18.72 -13.73 -32.84
N GLY B 352 18.76 -12.54 -33.41
CA GLY B 352 18.38 -12.33 -34.79
C GLY B 352 16.89 -12.09 -35.02
N GLY B 353 16.08 -12.02 -33.98
CA GLY B 353 14.67 -11.74 -34.18
C GLY B 353 13.89 -11.74 -32.89
N VAL B 354 12.76 -11.02 -32.92
CA VAL B 354 11.92 -10.85 -31.74
C VAL B 354 11.20 -12.13 -31.36
N GLU B 355 11.12 -13.11 -32.27
CA GLU B 355 10.56 -14.41 -31.92
C GLU B 355 11.55 -15.55 -32.16
N ALA B 356 12.84 -15.23 -32.16
CA ALA B 356 13.91 -16.22 -32.22
C ALA B 356 14.46 -16.32 -30.80
N TRP B 357 14.19 -17.46 -30.15
CA TRP B 357 14.45 -17.61 -28.72
C TRP B 357 15.72 -18.41 -28.50
N MET B 358 16.49 -18.00 -27.49
N MET B 358 16.52 -17.98 -27.51
CA MET B 358 17.68 -18.72 -27.05
CA MET B 358 17.67 -18.72 -27.04
C MET B 358 17.81 -18.58 -25.54
C MET B 358 17.71 -18.64 -25.53
N THR B 359 18.44 -19.58 -24.92
CA THR B 359 18.67 -19.58 -23.49
C THR B 359 20.12 -19.19 -23.23
N PHE B 360 20.32 -18.21 -22.37
CA PHE B 360 21.64 -17.69 -22.04
C PHE B 360 21.91 -17.89 -20.55
N SER B 361 23.12 -18.36 -20.23
CA SER B 361 23.49 -18.67 -18.85
C SER B 361 24.55 -17.72 -18.36
N SER B 362 24.42 -17.29 -17.11
CA SER B 362 25.40 -16.47 -16.45
C SER B 362 26.56 -17.32 -15.91
N THR B 363 27.58 -16.64 -15.40
CA THR B 363 28.53 -17.29 -14.51
C THR B 363 27.86 -17.49 -13.14
N PRO B 364 28.37 -18.38 -12.30
CA PRO B 364 27.68 -18.65 -11.03
C PRO B 364 27.58 -17.42 -10.14
N ILE B 365 26.42 -17.24 -9.52
CA ILE B 365 26.12 -16.09 -8.67
C ILE B 365 25.94 -16.60 -7.25
N SER B 366 26.60 -15.96 -6.29
CA SER B 366 26.50 -16.39 -4.90
C SER B 366 25.19 -15.90 -4.29
N LEU B 367 24.39 -16.83 -3.77
CA LEU B 367 23.15 -16.51 -3.06
C LEU B 367 23.21 -17.15 -1.69
N THR B 368 23.39 -16.32 -0.65
CA THR B 368 23.39 -16.83 0.71
C THR B 368 21.99 -17.26 1.10
N ALA B 369 21.91 -18.14 2.10
CA ALA B 369 20.62 -18.56 2.62
C ALA B 369 19.86 -17.36 3.12
N GLY B 370 18.56 -17.32 2.84
CA GLY B 370 17.74 -16.22 3.29
C GLY B 370 17.02 -15.50 2.17
N ASP B 371 16.49 -14.34 2.51
CA ASP B 371 15.60 -13.58 1.64
C ASP B 371 16.43 -12.67 0.74
N HIS B 372 16.15 -12.70 -0.56
CA HIS B 372 16.87 -11.87 -1.52
C HIS B 372 15.93 -11.33 -2.58
N ILE B 373 16.33 -10.21 -3.17
CA ILE B 373 15.67 -9.66 -4.35
C ILE B 373 16.59 -9.85 -5.55
N LEU B 374 16.09 -10.57 -6.54
CA LEU B 374 16.76 -10.70 -7.84
C LEU B 374 16.16 -9.67 -8.78
N ARG B 375 16.99 -8.78 -9.30
CA ARG B 375 16.54 -7.69 -10.15
C ARG B 375 17.11 -7.88 -11.55
N VAL B 376 16.23 -7.86 -12.54
CA VAL B 376 16.58 -8.00 -13.95
C VAL B 376 16.26 -6.67 -14.63
N GLU B 377 17.29 -6.02 -15.19
CA GLU B 377 17.18 -4.64 -15.69
C GLU B 377 17.58 -4.57 -17.16
N SER B 378 16.67 -4.07 -18.00
CA SER B 378 17.06 -3.76 -19.36
C SER B 378 17.95 -2.54 -19.35
N LYS B 379 19.09 -2.60 -20.02
CA LYS B 379 20.01 -1.47 -20.12
C LYS B 379 19.90 -0.91 -21.54
N SER B 380 19.00 0.05 -21.73
CA SER B 380 18.79 0.70 -23.03
C SER B 380 18.70 -0.33 -24.16
N SER B 381 17.74 -1.25 -24.02
CA SER B 381 17.66 -2.40 -24.90
C SER B 381 16.22 -2.76 -25.19
N ARG B 382 16.05 -3.55 -26.25
CA ARG B 382 14.74 -3.98 -26.75
C ARG B 382 14.81 -5.50 -26.90
N PHE B 383 14.04 -6.23 -26.10
CA PHE B 383 14.09 -7.69 -26.14
C PHE B 383 12.81 -8.25 -25.53
N GLY B 384 12.60 -9.53 -25.78
CA GLY B 384 11.57 -10.31 -25.12
C GLY B 384 12.18 -11.26 -24.11
N PHE B 385 11.42 -11.55 -23.05
CA PHE B 385 11.93 -12.28 -21.88
C PHE B 385 10.82 -13.21 -21.42
N ASN B 386 11.05 -14.52 -21.57
CA ASN B 386 10.01 -15.53 -21.34
C ASN B 386 10.06 -16.10 -19.92
N TRP B 387 11.23 -16.50 -19.46
CA TRP B 387 11.39 -17.10 -18.14
C TRP B 387 12.84 -17.05 -17.75
N LEU B 388 13.09 -17.33 -16.47
CA LEU B 388 14.42 -17.47 -15.93
C LEU B 388 14.51 -18.78 -15.17
N GLU B 389 15.73 -19.28 -15.01
N GLU B 389 15.74 -19.27 -15.02
CA GLU B 389 15.95 -20.48 -14.22
CA GLU B 389 16.00 -20.48 -14.25
C GLU B 389 17.20 -20.30 -13.38
C GLU B 389 17.21 -20.26 -13.37
N LEU B 390 17.12 -20.69 -12.12
CA LEU B 390 18.24 -20.72 -11.20
C LEU B 390 18.52 -22.17 -10.85
N THR B 391 19.76 -22.60 -11.05
CA THR B 391 20.17 -23.97 -10.81
C THR B 391 21.44 -23.97 -9.98
N ASN B 392 21.65 -25.03 -9.22
CA ASN B 392 22.90 -25.18 -8.49
C ASN B 392 23.56 -26.53 -8.77
C2 BGC C . 9.04 18.69 -10.84
C3 BGC C . 9.61 17.28 -10.88
C4 BGC C . 8.62 16.29 -10.29
C5 BGC C . 7.23 16.47 -10.90
C6 BGC C . 6.17 16.92 -9.91
C1 BGC C . 7.77 18.76 -11.69
O1 BGC C . 6.82 19.59 -11.10
O2 BGC C . 9.99 19.63 -11.33
O3 BGC C . 10.94 17.27 -10.32
O4 BGC C . 9.05 14.96 -10.49
O5 BGC C . 7.26 17.43 -11.98
O6 BGC C . 4.90 17.04 -10.53
C2 BGC C . 12.47 17.25 -8.37
C3 BGC C . 13.78 16.43 -8.40
C4 BGC C . 13.58 14.96 -8.64
C5 BGC C . 12.58 14.77 -9.77
C6 BGC C . 12.41 13.32 -10.16
C1 BGC C . 11.22 16.66 -9.03
O1 BGC C . 10.25 16.89 -8.08
O2 BGC C . 12.71 18.57 -8.88
O3 BGC C . 14.43 16.60 -7.15
O4 BGC C . 14.81 14.32 -8.98
O5 BGC C . 11.31 15.22 -9.28
O6 BGC C . 11.10 13.05 -10.65
C2 BGC C . 16.32 17.24 -5.88
C3 BGC C . 17.80 17.60 -5.86
C4 BGC C . 18.60 16.77 -6.87
C5 BGC C . 17.89 16.67 -8.21
C6 BGC C . 18.58 15.68 -9.14
C1 BGC C . 15.77 17.10 -7.28
O2 BGC C . 15.57 18.23 -5.18
O3 BGC C . 18.30 17.33 -4.56
O4 BGC C . 19.89 17.34 -7.07
O5 BGC C . 16.57 16.19 -8.01
O6 BGC C . 17.76 15.38 -10.27
C2 BGC C . 19.53 17.87 -2.58
C3 BGC C . 20.61 18.73 -1.96
C4 BGC C . 21.84 18.82 -2.86
C5 BGC C . 21.44 19.18 -4.29
C6 BGC C . 22.61 19.12 -5.24
C1 BGC C . 19.26 18.27 -4.03
O2 BGC C . 18.34 17.96 -1.78
O3 BGC C . 20.98 18.11 -0.72
O4 BGC C . 22.73 19.83 -2.38
O5 BGC C . 20.46 18.26 -4.77
O6 BGC C . 22.22 19.35 -6.58
C2 BGC C . 21.51 18.38 1.56
C3 BGC C . 21.75 19.36 2.69
C4 BGC C . 22.51 20.60 2.23
C5 BGC C . 21.81 21.20 1.01
C6 BGC C . 22.57 22.38 0.43
C1 BGC C . 20.95 19.07 0.33
O2 BGC C . 20.66 17.32 1.99
O3 BGC C . 22.48 18.71 3.72
O4 BGC C . 22.56 21.57 3.26
O5 BGC C . 21.75 20.20 -0.02
O6 BGC C . 21.81 23.57 0.54
C2 BGC D . 22.35 17.98 7.31
C3 BGC D . 22.06 19.22 8.15
C4 BGC D . 21.80 20.43 7.27
C5 BGC D . 20.69 20.10 6.29
C6 BGC D . 20.33 21.22 5.36
C1 BGC D . 21.27 17.80 6.24
O1 BGC D . 21.56 16.68 5.47
O2 BGC D . 22.35 16.83 8.14
O3 BGC D . 23.16 19.46 8.99
O4 BGC D . 21.43 21.54 8.07
O5 BGC D . 21.11 18.99 5.49
O6 BGC D . 18.97 21.16 4.99
C2 BGC D . 24.25 18.94 10.91
C3 BGC D . 24.21 18.79 12.41
C4 BGC D . 23.14 19.68 13.04
C5 BGC D . 21.80 19.50 12.33
C6 BGC D . 20.73 20.43 12.84
C1 BGC D . 22.87 18.95 10.26
O2 BGC D . 25.01 17.87 10.34
O3 BGC D . 25.48 19.21 12.91
O4 BGC D . 22.98 19.35 14.41
O5 BGC D . 21.98 19.79 10.94
O6 BGC D . 21.06 21.79 12.56
C2 BGC D . 27.63 18.57 13.60
C3 BGC D . 28.47 17.56 14.36
C4 BGC D . 27.87 17.28 15.73
C5 BGC D . 26.39 16.93 15.62
C6 BGC D . 25.72 16.86 16.97
C1 BGC D . 26.18 18.14 13.56
O2 BGC D . 28.14 18.71 12.28
O3 BGC D . 29.77 18.11 14.54
O4 BGC D . 28.55 16.20 16.36
O5 BGC D . 25.69 17.95 14.87
O6 BGC D . 25.60 18.16 17.54
C2 BGC D . 31.83 18.26 13.34
C3 BGC D . 33.00 17.49 12.73
C4 BGC D . 33.45 16.37 13.67
C5 BGC D . 32.25 15.50 14.02
C6 BGC D . 32.57 14.35 14.95
C1 BGC D . 30.72 17.32 13.82
O2 BGC D . 31.29 19.16 12.38
O3 BGC D . 34.08 18.37 12.45
O4 BGC D . 34.45 15.57 13.04
O5 BGC D . 31.26 16.31 14.67
O6 BGC D . 31.67 13.27 14.74
C2 BGC E . -13.95 5.57 -16.98
C3 BGC E . -15.30 5.64 -16.26
C4 BGC E . -15.14 6.07 -14.81
C5 BGC E . -14.24 7.31 -14.70
C6 BGC E . -13.93 7.67 -13.27
C1 BGC E . -13.12 6.81 -16.75
O1 BGC E . -11.87 6.63 -17.31
O2 BGC E . -14.16 5.38 -18.37
O3 BGC E . -15.91 4.35 -16.31
O4 BGC E . -16.40 6.37 -14.23
O5 BGC E . -12.99 7.05 -15.35
O6 BGC E . -12.83 8.58 -13.19
C2 BGC E . -17.71 2.90 -16.76
C3 BGC E . -19.21 2.71 -17.02
C4 BGC E . -20.06 3.75 -16.30
C5 BGC E . -19.46 5.14 -16.41
C6 BGC E . -20.21 6.16 -15.56
C1 BGC E . -17.26 4.36 -16.78
O2 BGC E . -16.95 2.17 -17.72
O3 BGC E . -19.56 1.42 -16.56
O4 BGC E . -21.37 3.77 -16.85
O5 BGC E . -18.11 5.14 -15.95
O6 BGC E . -19.38 7.26 -15.22
C2 BGC E . -20.68 -0.68 -16.74
C3 BGC E . -21.79 -1.47 -17.40
C4 BGC E . -23.08 -0.68 -17.44
C5 BGC E . -22.83 0.70 -18.06
C6 BGC E . -24.06 1.58 -18.02
C1 BGC E . -20.55 0.71 -17.34
O2 BGC E . -19.45 -1.40 -16.87
O3 BGC E . -21.98 -2.66 -16.66
O4 BGC E . -24.06 -1.36 -18.22
O5 BGC E . -21.81 1.38 -17.33
O6 BGC E . -23.72 2.94 -17.83
C2 BGC E . -22.43 -4.97 -16.65
C3 BGC E . -22.69 -6.23 -17.47
C4 BGC E . -23.37 -5.94 -18.79
C5 BGC E . -22.63 -4.83 -19.52
C6 BGC E . -23.29 -4.44 -20.83
C1 BGC E . -21.88 -3.82 -17.49
O2 BGC E . -21.52 -5.24 -15.58
O3 BGC E . -23.50 -7.12 -16.71
O4 BGC E . -23.39 -7.11 -19.60
O5 BGC E . -22.63 -3.66 -18.69
O6 BGC E . -22.65 -5.08 -21.93
C2 BGC F . -22.78 -10.31 -15.47
C3 BGC F . -22.57 -11.49 -16.39
C4 BGC F . -22.45 -11.03 -17.83
C5 BGC F . -21.32 -10.02 -17.94
C6 BGC F . -21.16 -9.43 -19.32
C1 BGC F . -21.68 -9.28 -15.69
O1 BGC F . -21.88 -8.17 -14.86
O2 BGC F . -22.77 -10.76 -14.11
O3 BGC F . -23.69 -12.36 -16.26
O4 BGC F . -22.18 -12.13 -18.70
O5 BGC F . -21.60 -8.92 -17.06
O6 BGC F . -20.29 -8.31 -19.30
C2 BGC F . -24.58 -14.40 -15.73
C3 BGC F . -24.39 -15.90 -15.52
C4 BGC F . -23.37 -16.45 -16.50
C5 BGC F . -22.10 -15.61 -16.47
C6 BGC F . -21.07 -16.07 -17.49
C1 BGC F . -23.27 -13.65 -15.85
O2 BGC F . -25.34 -13.84 -14.66
O3 BGC F . -25.63 -16.54 -15.75
O4 BGC F . -23.04 -17.80 -16.15
O5 BGC F . -22.42 -14.26 -16.79
O6 BGC F . -21.60 -16.01 -18.81
C2 BGC F . -27.71 -17.29 -14.91
C3 BGC F . -28.45 -17.95 -13.76
C4 BGC F . -27.73 -19.21 -13.30
C5 BGC F . -26.26 -18.89 -13.02
C6 BGC F . -25.46 -20.14 -12.70
C1 BGC F . -26.25 -17.08 -14.57
O2 BGC F . -28.32 -16.05 -15.25
O3 BGC F . -29.76 -18.32 -14.20
O4 BGC F . -28.33 -19.71 -12.11
O5 BGC F . -25.67 -18.32 -14.20
O6 BGC F . -25.43 -21.02 -13.81
C2 BGC F . -31.95 -17.40 -14.38
C3 BGC F . -33.10 -16.73 -13.63
C4 BGC F . -33.39 -17.47 -12.33
C5 BGC F . -32.11 -17.63 -11.52
C6 BGC F . -32.29 -18.43 -10.24
C1 BGC F . -30.75 -17.60 -13.47
O2 BGC F . -31.58 -16.60 -15.50
O3 BGC F . -34.25 -16.67 -14.44
O4 BGC F . -34.34 -16.73 -11.56
O5 BGC F . -31.14 -18.33 -12.31
O6 BGC F . -31.34 -18.03 -9.28
C1 GOL G . 9.38 0.02 13.39
O1 GOL G . 8.52 0.71 12.50
C2 GOL G . 9.36 0.75 14.75
O2 GOL G . 9.83 2.07 14.67
C3 GOL G . 10.25 -0.10 15.68
O3 GOL G . 10.17 0.45 16.98
C1 GOL H . 34.99 -5.04 5.22
O1 GOL H . 35.03 -5.68 3.98
C2 GOL H . 35.84 -3.76 5.06
O2 GOL H . 35.31 -2.91 4.09
C3 GOL H . 35.87 -3.10 6.46
O3 GOL H . 34.57 -2.70 6.77
C2 BGC I . 22.50 17.29 -9.91
C3 BGC I . 22.18 16.49 -11.17
C4 BGC I . 22.96 17.02 -12.37
C5 BGC I . 24.46 17.09 -12.03
C6 BGC I . 25.28 17.71 -13.13
C1 BGC I . 24.01 17.36 -9.70
O1 BGC I . 24.28 18.15 -8.58
O2 BGC I . 21.89 16.70 -8.78
O3 BGC I . 20.79 16.55 -11.45
O4 BGC I . 22.77 16.17 -13.49
O5 BGC I . 24.66 17.88 -10.87
O6 BGC I . 25.53 16.79 -14.19
MG MG J . -7.13 21.32 14.47
C1 GOL K . -8.36 -13.79 2.13
O1 GOL K . -7.58 -12.94 1.29
C2 GOL K . -8.24 -15.24 1.57
O2 GOL K . -8.78 -15.35 0.28
C3 GOL K . -8.97 -16.17 2.58
O3 GOL K . -8.86 -17.49 2.10
MG MG L . 6.80 -16.63 -19.86
#